data_7P3C
#
_entry.id   7P3C
#
_cell.length_a   86.137
_cell.length_b   89.151
_cell.length_c   97.864
_cell.angle_alpha   90.000
_cell.angle_beta   90.000
_cell.angle_gamma   90.000
#
_symmetry.space_group_name_H-M   'P 21 21 21'
#
loop_
_entity.id
_entity.type
_entity.pdbx_description
1 polymer 'Polycomb protein EED'
2 non-polymer N-(2,3-dihydro-1-benzofuran-4-ylmethyl)-8-(4-methylsulfonylphenyl)-[1,2,4]triazolo[4,3-c]pyrimidin-5-amine
3 non-polymer N-[5-[(5-fluoranyl-2,3-dihydro-1-benzofuran-4-yl)methylamino]-[1,2,4]triazolo[4,3-c]pyrimidin-8-yl]benzamide
4 water water
#
_entity_poly.entity_id   1
_entity_poly.type   'polypeptide(L)'
_entity_poly.pdbx_seq_one_letter_code
;KKCKYSFKCVNSLKEDHNQPLFGVQFNWHSKEGDPLVFATVGSNRVTLYECHSQGEIRLLQSYVDADADENFYTCAWTYD
SNTSHPLLAVAGSRGIIRIINPITMQCIKHYVGHGNAINELKFHPRDPNLLLSVSKDHALRLWNIQTDTLVAIFGGVEGH
RDEVLSADYDLLGEKIMSCGMDHSLKLWRINSKRMMNAIKESYDYNPNKTNRPFISQKIHFPDFSTRDIHRNYVDCVRWL
GDLILSKSCENAIVCWKPGKMEDDIDKIKPSESNVTILGRFDYSQCDIWYMRFSMDFWQKMLALGNQVGKLYVWDLEVED
PHKAKCTTLTHHKCGAAIRQTSFSRDSSILIAVCDDASIWRWDRLR
;
_entity_poly.pdbx_strand_id   A,B
#
# COMPACT_ATOMS: atom_id res chain seq x y z
N PHE A 7 -26.47 -0.86 -1.01
CA PHE A 7 -26.11 -1.50 -2.29
C PHE A 7 -25.79 -2.98 -2.13
N LYS A 8 -26.25 -3.79 -3.10
CA LYS A 8 -25.99 -5.22 -3.14
C LYS A 8 -25.41 -5.58 -4.48
N CYS A 9 -24.43 -6.51 -4.51
CA CYS A 9 -23.82 -6.93 -5.77
C CYS A 9 -24.74 -7.92 -6.45
N VAL A 10 -25.30 -7.56 -7.61
CA VAL A 10 -26.29 -8.39 -8.32
C VAL A 10 -25.73 -9.09 -9.55
N ASN A 11 -24.53 -8.71 -10.00
CA ASN A 11 -23.94 -9.34 -11.18
C ASN A 11 -22.50 -8.93 -11.35
N SER A 12 -21.79 -9.71 -12.17
CA SER A 12 -20.41 -9.47 -12.55
C SER A 12 -20.10 -10.22 -13.83
N LEU A 13 -19.19 -9.67 -14.64
CA LEU A 13 -18.76 -10.32 -15.87
C LEU A 13 -17.32 -9.96 -16.14
N LYS A 14 -16.71 -10.63 -17.12
CA LYS A 14 -15.33 -10.35 -17.48
C LYS A 14 -15.26 -10.20 -18.99
N GLU A 15 -14.55 -9.18 -19.48
CA GLU A 15 -14.37 -8.99 -20.91
C GLU A 15 -13.28 -9.93 -21.39
N ASP A 16 -13.48 -10.55 -22.58
CA ASP A 16 -12.59 -11.57 -23.13
C ASP A 16 -11.16 -11.11 -23.43
N HIS A 17 -10.92 -9.79 -23.57
CA HIS A 17 -9.59 -9.30 -23.86
C HIS A 17 -8.61 -9.43 -22.67
N ASN A 18 -9.14 -9.58 -21.44
CA ASN A 18 -8.38 -9.77 -20.18
C ASN A 18 -7.44 -8.62 -19.85
N GLN A 19 -7.67 -7.43 -20.45
CA GLN A 19 -6.84 -6.25 -20.20
C GLN A 19 -7.54 -5.32 -19.19
N PRO A 20 -6.81 -4.42 -18.51
CA PRO A 20 -7.48 -3.51 -17.58
C PRO A 20 -8.53 -2.62 -18.23
N LEU A 21 -9.62 -2.39 -17.52
CA LEU A 21 -10.65 -1.47 -17.98
C LEU A 21 -10.38 -0.17 -17.23
N PHE A 22 -10.14 0.91 -17.97
CA PHE A 22 -9.77 2.19 -17.39
C PHE A 22 -10.91 3.21 -17.30
N GLY A 23 -11.98 2.98 -18.04
CA GLY A 23 -13.12 3.89 -18.04
C GLY A 23 -14.45 3.19 -18.10
N VAL A 24 -15.45 3.83 -17.50
CA VAL A 24 -16.82 3.37 -17.51
C VAL A 24 -17.71 4.59 -17.39
N GLN A 25 -18.72 4.67 -18.25
CA GLN A 25 -19.67 5.77 -18.18
C GLN A 25 -21.06 5.31 -18.53
N PHE A 26 -22.03 5.55 -17.65
CA PHE A 26 -23.43 5.37 -18.02
C PHE A 26 -23.80 6.51 -18.97
N ASN A 27 -24.77 6.25 -19.87
CA ASN A 27 -25.31 7.29 -20.73
C ASN A 27 -26.41 8.00 -19.92
N TRP A 28 -26.14 9.23 -19.48
CA TRP A 28 -27.13 9.99 -18.71
C TRP A 28 -28.11 10.75 -19.59
N HIS A 29 -28.01 10.64 -20.92
CA HIS A 29 -28.89 11.37 -21.86
C HIS A 29 -30.13 10.60 -22.30
N SER A 30 -30.32 9.36 -21.82
CA SER A 30 -31.51 8.56 -22.15
C SER A 30 -32.72 8.90 -21.29
N LYS A 31 -33.93 8.89 -21.90
CA LYS A 31 -35.21 9.23 -21.24
C LYS A 31 -35.62 8.12 -20.28
N GLU A 32 -36.52 8.41 -19.29
CA GLU A 32 -37.03 7.37 -18.36
C GLU A 32 -37.78 6.31 -19.18
N GLY A 33 -37.59 5.05 -18.82
CA GLY A 33 -38.18 3.93 -19.55
C GLY A 33 -37.39 3.49 -20.78
N ASP A 34 -36.40 4.29 -21.21
CA ASP A 34 -35.54 3.94 -22.36
C ASP A 34 -34.36 3.08 -21.84
N PRO A 35 -33.68 2.29 -22.71
CA PRO A 35 -32.59 1.42 -22.22
C PRO A 35 -31.53 2.09 -21.33
N LEU A 36 -31.19 1.46 -20.16
CA LEU A 36 -30.12 1.93 -19.26
C LEU A 36 -28.84 1.36 -19.81
N VAL A 37 -28.01 2.21 -20.43
CA VAL A 37 -26.78 1.75 -21.09
C VAL A 37 -25.50 2.37 -20.50
N PHE A 38 -24.43 1.54 -20.44
CA PHE A 38 -23.10 2.04 -20.06
C PHE A 38 -22.04 1.56 -21.04
N ALA A 39 -20.99 2.36 -21.19
CA ALA A 39 -19.85 2.04 -22.02
C ALA A 39 -18.64 1.75 -21.13
N THR A 40 -17.80 0.76 -21.53
CA THR A 40 -16.55 0.48 -20.84
C THR A 40 -15.42 0.64 -21.88
N VAL A 41 -14.23 1.08 -21.43
CA VAL A 41 -13.08 1.21 -22.33
C VAL A 41 -11.87 0.55 -21.68
N GLY A 42 -11.15 -0.20 -22.49
CA GLY A 42 -9.99 -0.96 -22.04
C GLY A 42 -9.38 -1.63 -23.26
N SER A 43 -8.07 -1.90 -23.23
CA SER A 43 -7.36 -2.46 -24.41
C SER A 43 -7.64 -1.48 -25.60
N ASN A 44 -7.93 -1.99 -26.82
CA ASN A 44 -8.28 -1.14 -27.98
C ASN A 44 -9.77 -1.25 -28.25
N ARG A 45 -10.55 -1.44 -27.17
CA ARG A 45 -11.99 -1.73 -27.22
C ARG A 45 -12.85 -0.70 -26.51
N VAL A 46 -14.09 -0.61 -27.01
CA VAL A 46 -15.17 0.19 -26.44
C VAL A 46 -16.36 -0.74 -26.49
N THR A 47 -16.99 -1.00 -25.33
CA THR A 47 -18.09 -1.95 -25.28
C THR A 47 -19.32 -1.32 -24.64
N LEU A 48 -20.51 -1.57 -25.21
CA LEU A 48 -21.76 -1.05 -24.66
C LEU A 48 -22.55 -2.19 -24.05
N TYR A 49 -23.18 -1.92 -22.90
CA TYR A 49 -23.99 -2.89 -22.19
C TYR A 49 -25.30 -2.26 -21.77
N GLU A 50 -26.35 -3.08 -21.67
CA GLU A 50 -27.63 -2.62 -21.16
C GLU A 50 -27.92 -3.29 -19.82
N CYS A 51 -28.37 -2.50 -18.84
CA CYS A 51 -28.77 -2.99 -17.52
C CYS A 51 -30.26 -3.30 -17.57
N HIS A 52 -30.59 -4.56 -17.35
CA HIS A 52 -31.97 -5.03 -17.30
C HIS A 52 -32.33 -5.35 -15.85
N SER A 53 -33.62 -5.65 -15.60
CA SER A 53 -34.10 -6.02 -14.27
C SER A 53 -33.43 -7.32 -13.81
N GLN A 54 -33.51 -7.60 -12.49
CA GLN A 54 -32.95 -8.79 -11.83
C GLN A 54 -31.42 -8.92 -12.02
N GLY A 55 -30.75 -7.76 -12.07
CA GLY A 55 -29.30 -7.68 -12.23
C GLY A 55 -28.72 -8.05 -13.59
N GLU A 56 -29.56 -8.45 -14.58
CA GLU A 56 -29.09 -8.82 -15.92
C GLU A 56 -28.35 -7.68 -16.64
N ILE A 57 -27.18 -8.02 -17.22
CA ILE A 57 -26.35 -7.11 -18.02
C ILE A 57 -26.31 -7.77 -19.38
N ARG A 58 -26.71 -7.05 -20.41
CA ARG A 58 -26.70 -7.60 -21.76
C ARG A 58 -25.69 -6.87 -22.60
N LEU A 59 -24.81 -7.62 -23.29
CA LEU A 59 -23.82 -7.05 -24.20
C LEU A 59 -24.57 -6.53 -25.44
N LEU A 60 -24.36 -5.25 -25.79
CA LEU A 60 -25.05 -4.64 -26.92
C LEU A 60 -24.20 -4.62 -28.17
N GLN A 61 -23.02 -4.02 -28.07
CA GLN A 61 -22.11 -3.87 -29.18
C GLN A 61 -20.71 -3.66 -28.70
N SER A 62 -19.77 -3.96 -29.58
CA SER A 62 -18.35 -3.79 -29.32
C SER A 62 -17.76 -2.98 -30.47
N TYR A 63 -16.87 -2.08 -30.14
CA TYR A 63 -16.05 -1.35 -31.10
C TYR A 63 -14.63 -1.87 -30.84
N VAL A 64 -13.94 -2.33 -31.89
CA VAL A 64 -12.55 -2.80 -31.80
C VAL A 64 -11.76 -1.90 -32.74
N ASP A 65 -10.81 -1.13 -32.19
CA ASP A 65 -10.00 -0.20 -33.00
C ASP A 65 -9.12 -0.95 -33.98
N ALA A 66 -9.01 -0.41 -35.22
CA ALA A 66 -8.18 -0.99 -36.28
C ALA A 66 -6.73 -1.13 -35.80
N ASP A 67 -6.28 -0.22 -34.90
CA ASP A 67 -4.94 -0.27 -34.34
C ASP A 67 -4.95 -1.11 -33.09
N ALA A 68 -4.29 -2.27 -33.16
CA ALA A 68 -4.19 -3.22 -32.04
C ALA A 68 -3.39 -2.67 -30.85
N ASP A 69 -2.51 -1.68 -31.07
CA ASP A 69 -1.68 -1.05 -30.03
C ASP A 69 -2.32 0.17 -29.36
N GLU A 70 -3.56 0.54 -29.77
CA GLU A 70 -4.29 1.62 -29.11
C GLU A 70 -4.69 1.14 -27.72
N ASN A 71 -4.66 2.03 -26.70
CA ASN A 71 -5.12 1.72 -25.37
C ASN A 71 -6.08 2.85 -25.00
N PHE A 72 -7.42 2.61 -25.03
CA PHE A 72 -8.37 3.65 -24.63
C PHE A 72 -8.30 3.86 -23.12
N TYR A 73 -8.31 5.15 -22.70
CA TYR A 73 -8.21 5.52 -21.29
C TYR A 73 -9.47 6.20 -20.78
N THR A 74 -10.29 6.73 -21.72
CA THR A 74 -11.45 7.53 -21.33
C THR A 74 -12.54 7.51 -22.37
N CYS A 75 -13.76 7.78 -21.92
CA CYS A 75 -14.91 7.88 -22.81
C CYS A 75 -15.89 8.86 -22.23
N ALA A 76 -16.74 9.45 -23.09
CA ALA A 76 -17.73 10.42 -22.61
C ALA A 76 -18.89 10.44 -23.60
N TRP A 77 -20.10 10.56 -23.06
CA TRP A 77 -21.33 10.59 -23.86
C TRP A 77 -21.78 12.02 -24.14
N THR A 78 -22.41 12.20 -25.31
CA THR A 78 -23.05 13.45 -25.68
C THR A 78 -24.25 13.08 -26.55
N TYR A 79 -24.84 14.07 -27.17
CA TYR A 79 -25.96 13.86 -28.08
C TYR A 79 -25.83 14.87 -29.21
N ASP A 80 -26.48 14.55 -30.33
CA ASP A 80 -26.51 15.43 -31.50
C ASP A 80 -27.51 16.54 -31.18
N SER A 81 -27.08 17.81 -31.24
CA SER A 81 -27.92 18.97 -30.90
C SER A 81 -29.17 19.13 -31.79
N ASN A 82 -29.21 18.50 -33.00
CA ASN A 82 -30.38 18.58 -33.91
C ASN A 82 -31.39 17.41 -33.76
N THR A 83 -30.90 16.21 -33.41
CA THR A 83 -31.76 15.00 -33.33
C THR A 83 -31.91 14.40 -31.95
N SER A 84 -31.06 14.81 -31.00
CA SER A 84 -30.97 14.28 -29.63
C SER A 84 -30.48 12.81 -29.61
N HIS A 85 -29.98 12.28 -30.75
CA HIS A 85 -29.41 10.93 -30.81
C HIS A 85 -28.08 10.86 -30.07
N PRO A 86 -27.84 9.81 -29.27
CA PRO A 86 -26.58 9.72 -28.50
C PRO A 86 -25.35 9.53 -29.36
N LEU A 87 -24.19 10.00 -28.83
CA LEU A 87 -22.87 9.87 -29.45
C LEU A 87 -21.88 9.57 -28.32
N LEU A 88 -20.84 8.78 -28.62
CA LEU A 88 -19.83 8.44 -27.61
C LEU A 88 -18.45 8.83 -28.10
N ALA A 89 -17.68 9.61 -27.30
CA ALA A 89 -16.33 9.98 -27.65
C ALA A 89 -15.38 9.09 -26.88
N VAL A 90 -14.29 8.64 -27.51
CA VAL A 90 -13.31 7.76 -26.84
C VAL A 90 -11.91 8.22 -27.23
N ALA A 91 -10.94 8.02 -26.33
CA ALA A 91 -9.55 8.37 -26.65
C ALA A 91 -8.60 7.65 -25.70
N GLY A 92 -7.34 7.65 -26.05
CA GLY A 92 -6.36 7.02 -25.18
C GLY A 92 -4.93 7.28 -25.63
N SER A 93 -4.13 6.25 -25.54
CA SER A 93 -2.69 6.28 -25.81
C SER A 93 -2.29 6.88 -27.16
N ARG A 94 -3.07 6.68 -28.25
CA ARG A 94 -2.69 7.26 -29.55
C ARG A 94 -2.92 8.78 -29.66
N GLY A 95 -3.67 9.38 -28.72
CA GLY A 95 -3.92 10.82 -28.80
C GLY A 95 -4.92 11.21 -29.86
N ILE A 96 -5.73 10.25 -30.27
CA ILE A 96 -6.77 10.47 -31.27
C ILE A 96 -8.12 10.37 -30.63
N ILE A 97 -8.98 11.37 -30.87
CA ILE A 97 -10.35 11.33 -30.38
C ILE A 97 -11.20 10.68 -31.45
N ARG A 98 -12.00 9.68 -31.07
CA ARG A 98 -12.93 9.05 -32.01
C ARG A 98 -14.34 9.26 -31.54
N ILE A 99 -15.22 9.70 -32.45
CA ILE A 99 -16.64 9.90 -32.18
C ILE A 99 -17.32 8.67 -32.79
N ILE A 100 -18.05 7.93 -31.95
CA ILE A 100 -18.72 6.70 -32.30
C ILE A 100 -20.24 6.88 -32.26
N ASN A 101 -20.90 6.34 -33.31
CA ASN A 101 -22.33 6.28 -33.34
C ASN A 101 -22.66 5.01 -32.51
N PRO A 102 -23.30 5.14 -31.33
CA PRO A 102 -23.51 3.95 -30.49
C PRO A 102 -24.60 2.97 -30.99
N ILE A 103 -25.44 3.38 -31.96
CA ILE A 103 -26.48 2.51 -32.50
C ILE A 103 -25.85 1.45 -33.42
N THR A 104 -24.85 1.86 -34.24
CA THR A 104 -24.15 1.00 -35.20
C THR A 104 -22.76 0.59 -34.70
N MET A 105 -22.25 1.28 -33.67
CA MET A 105 -20.91 1.14 -33.08
C MET A 105 -19.79 1.39 -34.11
N GLN A 106 -20.08 2.27 -35.10
CA GLN A 106 -19.18 2.71 -36.15
C GLN A 106 -18.59 4.07 -35.81
N CYS A 107 -17.29 4.25 -36.09
CA CYS A 107 -16.57 5.50 -35.91
C CYS A 107 -17.05 6.49 -37.00
N ILE A 108 -17.72 7.57 -36.58
CA ILE A 108 -18.27 8.62 -37.46
C ILE A 108 -17.14 9.53 -37.91
N LYS A 109 -16.31 9.95 -36.94
CA LYS A 109 -15.29 10.94 -37.17
C LYS A 109 -14.18 10.87 -36.13
N HIS A 110 -12.99 11.37 -36.48
CA HIS A 110 -11.86 11.33 -35.56
C HIS A 110 -11.09 12.67 -35.60
N TYR A 111 -10.46 13.04 -34.45
CA TYR A 111 -9.68 14.29 -34.29
C TYR A 111 -8.28 13.98 -33.83
N VAL A 112 -7.30 14.44 -34.62
CA VAL A 112 -5.86 14.35 -34.39
C VAL A 112 -5.39 15.76 -33.96
N GLY A 113 -4.31 15.82 -33.20
CA GLY A 113 -3.77 17.12 -32.77
C GLY A 113 -2.94 17.05 -31.53
N HIS A 114 -3.43 16.30 -30.48
CA HIS A 114 -2.61 16.18 -29.26
C HIS A 114 -1.33 15.46 -29.61
N GLY A 115 -0.23 15.90 -29.01
CA GLY A 115 1.09 15.32 -29.29
C GLY A 115 1.38 14.06 -28.52
N ASN A 116 0.39 13.54 -27.78
CA ASN A 116 0.58 12.40 -26.90
C ASN A 116 -0.80 11.94 -26.43
N ALA A 117 -0.79 10.91 -25.60
CA ALA A 117 -2.02 10.29 -25.08
C ALA A 117 -2.99 11.30 -24.50
N ILE A 118 -4.29 10.96 -24.58
CA ILE A 118 -5.38 11.71 -23.96
C ILE A 118 -5.83 10.91 -22.72
N ASN A 119 -5.81 11.59 -21.57
CA ASN A 119 -6.17 10.99 -20.29
C ASN A 119 -7.63 11.16 -19.91
N GLU A 120 -8.29 12.20 -20.41
CA GLU A 120 -9.67 12.38 -20.08
C GLU A 120 -10.39 13.17 -21.13
N LEU A 121 -11.67 12.85 -21.30
CA LEU A 121 -12.58 13.59 -22.19
C LEU A 121 -13.77 14.02 -21.37
N LYS A 122 -14.28 15.24 -21.61
CA LYS A 122 -15.48 15.72 -20.92
C LYS A 122 -16.27 16.59 -21.88
N PHE A 123 -17.58 16.43 -21.88
CA PHE A 123 -18.43 17.29 -22.69
C PHE A 123 -18.96 18.45 -21.82
N HIS A 124 -19.10 19.63 -22.44
CA HIS A 124 -19.62 20.83 -21.79
C HIS A 124 -21.05 20.53 -21.28
N PRO A 125 -21.36 20.94 -20.03
CA PRO A 125 -22.67 20.60 -19.46
C PRO A 125 -23.86 21.25 -20.12
N ARG A 126 -23.67 22.33 -20.91
CA ARG A 126 -24.80 22.97 -21.57
C ARG A 126 -24.77 22.75 -23.08
N ASP A 127 -23.56 22.72 -23.65
CA ASP A 127 -23.38 22.64 -25.11
C ASP A 127 -22.80 21.27 -25.46
N PRO A 128 -23.65 20.38 -26.04
CA PRO A 128 -23.20 19.01 -26.33
C PRO A 128 -22.11 18.92 -27.39
N ASN A 129 -21.85 20.00 -28.11
CA ASN A 129 -20.85 20.02 -29.17
C ASN A 129 -19.46 20.35 -28.67
N LEU A 130 -19.35 20.86 -27.44
CA LEU A 130 -18.06 21.28 -26.90
C LEU A 130 -17.41 20.18 -26.09
N LEU A 131 -16.32 19.66 -26.63
CA LEU A 131 -15.56 18.56 -26.05
C LEU A 131 -14.21 19.02 -25.53
N LEU A 132 -13.93 18.68 -24.28
CA LEU A 132 -12.64 19.02 -23.68
C LEU A 132 -11.78 17.75 -23.61
N SER A 133 -10.54 17.83 -24.08
CA SER A 133 -9.60 16.71 -23.97
C SER A 133 -8.37 17.15 -23.14
N VAL A 134 -7.80 16.23 -22.34
CA VAL A 134 -6.65 16.58 -21.50
C VAL A 134 -5.58 15.57 -21.84
N SER A 135 -4.34 16.03 -21.98
CA SER A 135 -3.31 15.17 -22.55
C SER A 135 -1.98 15.14 -21.83
N LYS A 136 -1.22 14.07 -22.10
CA LYS A 136 0.15 13.88 -21.64
C LYS A 136 1.06 14.94 -22.28
N ASP A 137 0.58 15.64 -23.34
CA ASP A 137 1.41 16.70 -23.96
C ASP A 137 1.38 18.01 -23.13
N HIS A 138 0.76 18.01 -21.93
CA HIS A 138 0.70 19.14 -20.95
C HIS A 138 -0.43 20.13 -21.25
N ALA A 139 -1.23 19.89 -22.29
CA ALA A 139 -2.30 20.83 -22.65
C ALA A 139 -3.70 20.23 -22.53
N LEU A 140 -4.69 21.12 -22.51
CA LEU A 140 -6.09 20.78 -22.69
C LEU A 140 -6.49 21.39 -24.01
N ARG A 141 -7.45 20.75 -24.67
CA ARG A 141 -7.96 21.27 -25.96
C ARG A 141 -9.46 21.28 -25.89
N LEU A 142 -10.06 22.33 -26.44
CA LEU A 142 -11.53 22.44 -26.51
C LEU A 142 -11.89 22.34 -27.97
N TRP A 143 -12.76 21.35 -28.32
CA TRP A 143 -13.16 21.10 -29.70
C TRP A 143 -14.62 21.40 -29.89
N ASN A 144 -15.01 21.78 -31.10
CA ASN A 144 -16.41 21.95 -31.44
C ASN A 144 -16.63 20.81 -32.43
N ILE A 145 -17.36 19.79 -32.00
CA ILE A 145 -17.57 18.59 -32.81
C ILE A 145 -18.70 18.76 -33.84
N GLN A 146 -19.37 19.91 -33.86
CA GLN A 146 -20.40 20.14 -34.88
C GLN A 146 -19.67 20.68 -36.14
N THR A 147 -18.73 21.63 -35.96
CA THR A 147 -17.99 22.23 -37.08
C THR A 147 -16.59 21.65 -37.26
N ASP A 148 -16.20 20.66 -36.42
CA ASP A 148 -14.89 19.97 -36.47
C ASP A 148 -13.74 20.96 -36.31
N THR A 149 -13.86 21.88 -35.36
CA THR A 149 -12.85 22.89 -35.14
C THR A 149 -12.20 22.77 -33.75
N LEU A 150 -10.94 23.12 -33.67
CA LEU A 150 -10.20 23.21 -32.42
C LEU A 150 -10.43 24.67 -31.96
N VAL A 151 -11.25 24.84 -30.93
CA VAL A 151 -11.59 26.17 -30.42
C VAL A 151 -10.40 26.82 -29.71
N ALA A 152 -9.73 26.06 -28.82
CA ALA A 152 -8.69 26.62 -27.98
C ALA A 152 -7.77 25.54 -27.47
N ILE A 153 -6.54 25.94 -27.17
CA ILE A 153 -5.52 25.11 -26.56
C ILE A 153 -5.17 25.85 -25.26
N PHE A 154 -5.29 25.16 -24.12
CA PHE A 154 -5.01 25.70 -22.79
C PHE A 154 -3.67 25.14 -22.37
N GLY A 155 -2.66 25.97 -22.44
CA GLY A 155 -1.31 25.52 -22.11
C GLY A 155 -0.25 26.42 -22.67
N GLY A 156 0.97 26.11 -22.34
CA GLY A 156 2.12 26.87 -22.79
C GLY A 156 2.97 27.23 -21.62
N VAL A 157 3.45 28.49 -21.61
CA VAL A 157 4.34 29.10 -20.61
C VAL A 157 3.93 28.73 -19.16
N GLU A 158 2.80 29.28 -18.71
CA GLU A 158 2.21 29.15 -17.37
C GLU A 158 1.09 28.11 -17.30
N GLY A 159 1.00 27.23 -18.27
CA GLY A 159 0.06 26.10 -18.18
C GLY A 159 0.69 24.95 -17.42
N HIS A 160 0.08 23.77 -17.48
CA HIS A 160 0.66 22.59 -16.82
C HIS A 160 2.09 22.33 -17.34
N ARG A 161 2.98 21.87 -16.46
CA ARG A 161 4.39 21.63 -16.78
C ARG A 161 4.68 20.13 -16.91
N ASP A 162 3.64 19.33 -16.83
CA ASP A 162 3.74 17.87 -16.91
C ASP A 162 2.39 17.35 -17.38
N GLU A 163 2.29 16.04 -17.56
CA GLU A 163 1.09 15.39 -18.09
C GLU A 163 -0.18 15.82 -17.34
N VAL A 164 -1.23 16.12 -18.10
CA VAL A 164 -2.52 16.53 -17.51
C VAL A 164 -3.33 15.24 -17.39
N LEU A 165 -3.86 15.00 -16.19
CA LEU A 165 -4.54 13.74 -15.85
C LEU A 165 -6.06 13.83 -15.84
N SER A 166 -6.64 15.00 -15.47
CA SER A 166 -8.10 15.10 -15.36
C SER A 166 -8.50 16.56 -15.50
N ALA A 167 -9.78 16.79 -15.75
CA ALA A 167 -10.36 18.14 -15.77
C ALA A 167 -11.84 18.01 -15.65
N ASP A 168 -12.47 19.09 -15.24
CA ASP A 168 -13.92 19.06 -15.08
C ASP A 168 -14.43 20.48 -15.33
N TYR A 169 -15.60 20.58 -15.97
CA TYR A 169 -16.29 21.85 -16.11
C TYR A 169 -17.11 22.06 -14.83
N ASP A 170 -17.37 23.34 -14.47
CA ASP A 170 -18.26 23.63 -13.35
C ASP A 170 -19.70 23.39 -13.82
N LEU A 171 -20.67 23.67 -12.95
CA LEU A 171 -22.06 23.37 -13.20
C LEU A 171 -22.58 23.88 -14.55
N LEU A 172 -22.33 25.15 -14.85
CA LEU A 172 -22.82 25.81 -16.08
C LEU A 172 -21.81 25.78 -17.22
N GLY A 173 -20.61 25.25 -16.96
CA GLY A 173 -19.56 25.25 -17.97
C GLY A 173 -19.01 26.64 -18.23
N GLU A 174 -18.90 27.50 -17.18
CA GLU A 174 -18.27 28.82 -17.30
C GLU A 174 -16.77 28.72 -17.06
N LYS A 175 -16.31 27.61 -16.45
CA LYS A 175 -14.89 27.47 -16.13
C LYS A 175 -14.50 25.99 -16.00
N ILE A 176 -13.22 25.72 -16.11
CA ILE A 176 -12.68 24.37 -16.05
C ILE A 176 -11.60 24.32 -14.98
N MET A 177 -11.53 23.22 -14.19
CA MET A 177 -10.40 23.00 -13.28
C MET A 177 -9.69 21.79 -13.87
N SER A 178 -8.35 21.85 -14.06
CA SER A 178 -7.56 20.76 -14.58
C SER A 178 -6.50 20.39 -13.54
N CYS A 179 -5.91 19.20 -13.67
CA CYS A 179 -4.88 18.78 -12.71
C CYS A 179 -3.99 17.73 -13.33
N GLY A 180 -2.80 17.55 -12.75
CA GLY A 180 -1.94 16.51 -13.30
C GLY A 180 -0.69 16.18 -12.55
N MET A 181 0.29 15.67 -13.30
CA MET A 181 1.56 15.20 -12.75
C MET A 181 2.42 16.30 -12.10
N ASP A 182 2.17 17.59 -12.47
CA ASP A 182 2.96 18.67 -11.86
C ASP A 182 2.44 19.03 -10.45
N HIS A 183 1.45 18.24 -9.90
CA HIS A 183 0.84 18.38 -8.57
C HIS A 183 -0.09 19.61 -8.52
N SER A 184 -0.29 20.29 -9.65
CA SER A 184 -1.08 21.49 -9.60
C SER A 184 -2.49 21.30 -10.06
N LEU A 185 -3.37 22.20 -9.62
CA LEU A 185 -4.75 22.32 -10.05
C LEU A 185 -4.86 23.73 -10.60
N LYS A 186 -5.33 23.88 -11.85
CA LYS A 186 -5.40 25.17 -12.52
C LYS A 186 -6.80 25.43 -13.01
N LEU A 187 -7.21 26.69 -12.90
CA LEU A 187 -8.54 27.16 -13.28
C LEU A 187 -8.44 27.87 -14.61
N TRP A 188 -9.40 27.59 -15.53
CA TRP A 188 -9.39 28.23 -16.83
C TRP A 188 -10.83 28.74 -17.06
N ARG A 189 -11.00 30.04 -17.13
CA ARG A 189 -12.35 30.59 -17.31
C ARG A 189 -12.67 30.58 -18.78
N ILE A 190 -13.84 30.04 -19.12
CA ILE A 190 -14.23 30.01 -20.54
C ILE A 190 -15.44 30.92 -20.80
N ASN A 191 -15.83 31.74 -19.81
CA ASN A 191 -16.90 32.73 -20.01
C ASN A 191 -16.29 34.14 -20.21
N SER A 192 -14.96 34.23 -20.50
CA SER A 192 -14.30 35.50 -20.82
C SER A 192 -14.80 35.95 -22.19
N LYS A 193 -14.71 37.27 -22.49
CA LYS A 193 -15.13 37.76 -23.81
C LYS A 193 -14.34 37.03 -24.93
N ARG A 194 -13.05 36.78 -24.69
CA ARG A 194 -12.19 36.10 -25.67
C ARG A 194 -12.69 34.65 -25.96
N MET A 195 -13.02 33.88 -24.91
CA MET A 195 -13.46 32.50 -25.09
C MET A 195 -14.88 32.42 -25.65
N MET A 196 -15.77 33.32 -25.23
CA MET A 196 -17.12 33.33 -25.77
C MET A 196 -17.08 33.68 -27.26
N ASN A 197 -16.20 34.65 -27.66
CA ASN A 197 -16.08 35.01 -29.09
C ASN A 197 -15.47 33.85 -29.90
N ALA A 198 -14.47 33.15 -29.33
CA ALA A 198 -13.85 32.01 -29.99
C ALA A 198 -14.88 30.88 -30.22
N ILE A 199 -15.73 30.59 -29.20
CA ILE A 199 -16.78 29.57 -29.37
C ILE A 199 -17.75 30.01 -30.44
N LYS A 200 -18.17 31.28 -30.41
CA LYS A 200 -19.10 31.81 -31.40
C LYS A 200 -18.53 31.65 -32.81
N GLU A 201 -17.25 32.04 -33.01
CA GLU A 201 -16.57 31.95 -34.30
C GLU A 201 -16.46 30.47 -34.75
N SER A 202 -16.27 29.53 -33.80
CA SER A 202 -16.14 28.12 -34.16
C SER A 202 -17.44 27.61 -34.80
N TYR A 203 -18.60 28.16 -34.41
CA TYR A 203 -19.88 27.79 -35.00
C TYR A 203 -20.07 28.37 -36.40
N ASP A 204 -19.41 29.50 -36.70
CA ASP A 204 -19.57 30.14 -38.02
C ASP A 204 -18.61 29.53 -39.03
N TYR A 205 -17.58 28.83 -38.54
CA TYR A 205 -16.58 28.28 -39.43
C TYR A 205 -17.08 27.12 -40.30
N ASN A 206 -16.69 27.15 -41.57
CA ASN A 206 -16.94 26.04 -42.51
C ASN A 206 -15.79 26.03 -43.54
N PRO A 207 -15.00 24.93 -43.62
CA PRO A 207 -13.87 24.92 -44.56
C PRO A 207 -14.26 24.96 -46.01
N ASN A 208 -15.56 24.73 -46.32
CA ASN A 208 -16.03 24.75 -47.69
C ASN A 208 -16.37 26.15 -48.18
N LYS A 209 -16.36 27.18 -47.27
CA LYS A 209 -16.71 28.54 -47.69
C LYS A 209 -15.52 29.52 -47.59
N THR A 210 -14.34 29.00 -47.20
CA THR A 210 -13.12 29.80 -47.11
C THR A 210 -11.88 28.95 -47.47
N ASN A 211 -10.82 29.58 -47.93
CA ASN A 211 -9.58 28.83 -48.17
C ASN A 211 -8.64 28.98 -46.95
N ARG A 212 -9.08 29.73 -45.91
CA ARG A 212 -8.28 30.00 -44.69
C ARG A 212 -8.61 29.05 -43.56
N PRO A 213 -7.59 28.53 -42.83
CA PRO A 213 -7.90 27.66 -41.69
C PRO A 213 -8.52 28.42 -40.52
N PHE A 214 -9.22 27.68 -39.69
CA PHE A 214 -9.78 28.19 -38.45
C PHE A 214 -8.60 28.41 -37.50
N ILE A 215 -8.57 29.58 -36.85
CA ILE A 215 -7.51 29.90 -35.92
C ILE A 215 -7.96 29.67 -34.45
N SER A 216 -7.31 28.70 -33.81
CA SER A 216 -7.63 28.35 -32.42
C SER A 216 -6.98 29.37 -31.48
N GLN A 217 -7.63 29.65 -30.38
CA GLN A 217 -7.07 30.53 -29.33
C GLN A 217 -5.97 29.76 -28.60
N LYS A 218 -4.84 30.40 -28.36
CA LYS A 218 -3.78 29.80 -27.58
C LYS A 218 -3.82 30.49 -26.20
N ILE A 219 -4.45 29.80 -25.24
CA ILE A 219 -4.66 30.32 -23.85
C ILE A 219 -3.44 29.94 -23.05
N HIS A 220 -2.47 30.87 -22.90
CA HIS A 220 -1.21 30.56 -22.23
C HIS A 220 -1.26 30.67 -20.69
N PHE A 221 -2.25 31.43 -20.16
CA PHE A 221 -2.31 31.72 -18.72
C PHE A 221 -3.58 31.23 -18.04
N PRO A 222 -3.52 30.40 -16.95
CA PRO A 222 -4.75 30.05 -16.21
C PRO A 222 -5.19 31.24 -15.35
N ASP A 223 -6.41 31.15 -14.81
CA ASP A 223 -7.04 32.17 -13.99
C ASP A 223 -6.81 31.95 -12.49
N PHE A 224 -6.15 30.84 -12.12
CA PHE A 224 -5.80 30.45 -10.75
C PHE A 224 -4.93 29.22 -10.83
N SER A 225 -3.99 29.07 -9.89
CA SER A 225 -3.22 27.83 -9.86
C SER A 225 -2.80 27.57 -8.41
N THR A 226 -2.81 26.28 -8.01
CA THR A 226 -2.30 25.88 -6.67
C THR A 226 -1.55 24.56 -6.76
N ARG A 227 -0.50 24.44 -5.93
CA ARG A 227 0.20 23.17 -5.77
C ARG A 227 0.19 22.80 -4.28
N ASP A 228 -0.71 23.41 -3.50
CA ASP A 228 -0.77 23.28 -2.04
C ASP A 228 -1.82 22.31 -1.51
N ILE A 229 -2.47 21.53 -2.37
CA ILE A 229 -3.49 20.59 -1.91
C ILE A 229 -2.90 19.20 -1.70
N HIS A 230 -2.22 18.68 -2.72
CA HIS A 230 -1.63 17.35 -2.73
C HIS A 230 -0.12 17.44 -2.93
N ARG A 231 0.61 16.36 -2.58
CA ARG A 231 2.07 16.31 -2.72
C ARG A 231 2.51 15.21 -3.72
N ASN A 232 1.63 14.85 -4.65
CA ASN A 232 1.91 13.84 -5.67
C ASN A 232 0.97 14.11 -6.86
N TYR A 233 1.00 13.21 -7.88
CA TYR A 233 0.22 13.38 -9.09
C TYR A 233 -1.24 13.54 -8.73
N VAL A 234 -1.93 14.55 -9.29
CA VAL A 234 -3.35 14.78 -9.00
C VAL A 234 -4.12 14.13 -10.16
N ASP A 235 -4.79 13.02 -9.92
CA ASP A 235 -5.35 12.25 -11.03
C ASP A 235 -6.87 12.31 -11.19
N CYS A 236 -7.59 13.09 -10.36
CA CYS A 236 -9.03 13.23 -10.53
C CYS A 236 -9.48 14.53 -9.89
N VAL A 237 -10.28 15.31 -10.61
CA VAL A 237 -10.78 16.60 -10.11
C VAL A 237 -12.22 16.73 -10.51
N ARG A 238 -13.04 17.21 -9.60
CA ARG A 238 -14.46 17.43 -9.91
C ARG A 238 -14.98 18.65 -9.15
N TRP A 239 -15.88 19.43 -9.77
CA TRP A 239 -16.49 20.55 -9.07
C TRP A 239 -17.65 20.03 -8.24
N LEU A 240 -17.86 20.65 -7.08
CA LEU A 240 -19.02 20.37 -6.23
C LEU A 240 -19.57 21.77 -5.92
N GLY A 241 -20.43 22.29 -6.78
CA GLY A 241 -20.82 23.69 -6.69
C GLY A 241 -19.62 24.58 -6.99
N ASP A 242 -19.32 25.56 -6.13
CA ASP A 242 -18.14 26.45 -6.32
C ASP A 242 -16.90 25.82 -5.65
N LEU A 243 -17.08 24.64 -4.99
CA LEU A 243 -15.97 23.96 -4.32
C LEU A 243 -15.32 22.94 -5.25
N ILE A 244 -14.15 22.43 -4.86
CA ILE A 244 -13.48 21.41 -5.66
C ILE A 244 -13.24 20.16 -4.82
N LEU A 245 -13.41 18.99 -5.45
CA LEU A 245 -13.00 17.71 -4.86
C LEU A 245 -11.83 17.26 -5.72
N SER A 246 -10.69 16.91 -5.11
CA SER A 246 -9.60 16.38 -5.94
C SER A 246 -8.86 15.30 -5.16
N LYS A 247 -8.23 14.38 -5.88
CA LYS A 247 -7.44 13.38 -5.18
C LYS A 247 -6.08 13.15 -5.85
N SER A 248 -5.16 12.61 -5.04
CA SER A 248 -3.86 12.15 -5.51
C SER A 248 -3.80 10.67 -5.10
N CYS A 249 -2.61 10.10 -4.93
CA CYS A 249 -2.44 8.71 -4.54
C CYS A 249 -2.09 8.68 -3.05
N GLU A 250 -2.72 9.62 -2.28
CA GLU A 250 -2.35 9.77 -0.88
C GLU A 250 -3.47 9.40 0.07
N ASN A 251 -4.38 8.52 -0.41
CA ASN A 251 -5.47 7.94 0.35
C ASN A 251 -6.49 8.96 0.91
N ALA A 252 -6.74 10.05 0.14
CA ALA A 252 -7.74 11.04 0.51
C ALA A 252 -8.22 11.82 -0.68
N ILE A 253 -9.51 12.16 -0.64
CA ILE A 253 -10.14 13.10 -1.58
C ILE A 253 -10.25 14.36 -0.72
N VAL A 254 -9.71 15.47 -1.22
CA VAL A 254 -9.72 16.72 -0.47
C VAL A 254 -10.79 17.64 -1.06
N CYS A 255 -11.58 18.28 -0.19
CA CYS A 255 -12.58 19.26 -0.61
C CYS A 255 -11.96 20.60 -0.27
N TRP A 256 -11.80 21.46 -1.27
CA TRP A 256 -11.15 22.74 -1.05
C TRP A 256 -11.71 23.82 -1.95
N LYS A 257 -11.27 25.05 -1.74
CA LYS A 257 -11.67 26.16 -2.60
C LYS A 257 -10.48 27.14 -2.79
N PRO A 258 -10.41 27.84 -3.94
CA PRO A 258 -9.39 28.90 -4.09
C PRO A 258 -9.69 30.04 -3.11
N GLY A 259 -8.64 30.73 -2.68
CA GLY A 259 -8.74 31.87 -1.78
C GLY A 259 -9.10 31.53 -0.34
N LYS A 260 -9.44 32.56 0.41
CA LYS A 260 -9.85 32.48 1.81
C LYS A 260 -11.30 32.01 1.89
N MET A 261 -11.75 31.65 3.11
CA MET A 261 -13.10 31.12 3.35
C MET A 261 -14.24 31.94 2.72
N GLU A 262 -14.23 33.27 2.87
CA GLU A 262 -15.29 34.12 2.34
C GLU A 262 -15.05 34.64 0.91
N ASP A 263 -14.00 34.14 0.21
CA ASP A 263 -13.70 34.59 -1.14
C ASP A 263 -14.59 33.95 -2.20
N ASP A 264 -15.35 34.80 -2.93
CA ASP A 264 -16.21 34.32 -4.02
C ASP A 264 -15.30 33.84 -5.14
N ILE A 265 -15.60 32.65 -5.71
CA ILE A 265 -14.86 32.03 -6.81
C ILE A 265 -14.71 32.98 -8.00
N ASP A 266 -15.73 33.79 -8.27
CA ASP A 266 -15.69 34.67 -9.44
C ASP A 266 -14.97 35.99 -9.17
N LYS A 267 -14.48 36.19 -7.93
CA LYS A 267 -13.65 37.35 -7.58
C LYS A 267 -12.16 36.96 -7.48
N ILE A 268 -11.85 35.65 -7.44
CA ILE A 268 -10.49 35.07 -7.41
C ILE A 268 -9.70 35.59 -8.62
N LYS A 269 -8.56 36.24 -8.35
CA LYS A 269 -7.62 36.78 -9.33
C LYS A 269 -6.54 35.72 -9.62
N PRO A 270 -5.86 35.78 -10.81
CA PRO A 270 -4.84 34.76 -11.11
C PRO A 270 -3.66 34.75 -10.17
N SER A 271 -3.48 35.85 -9.41
CA SER A 271 -2.40 36.02 -8.43
C SER A 271 -2.76 35.46 -7.05
N GLU A 272 -4.00 34.92 -6.87
CA GLU A 272 -4.45 34.37 -5.57
C GLU A 272 -3.47 33.31 -5.04
N SER A 273 -2.84 33.60 -3.88
CA SER A 273 -1.85 32.71 -3.27
C SER A 273 -2.44 31.73 -2.23
N ASN A 274 -3.67 31.98 -1.78
CA ASN A 274 -4.32 31.12 -0.77
C ASN A 274 -5.34 30.09 -1.31
N VAL A 275 -5.51 29.01 -0.53
CA VAL A 275 -6.54 27.99 -0.70
C VAL A 275 -7.11 27.74 0.67
N THR A 276 -8.35 27.25 0.74
CA THR A 276 -8.96 26.88 2.01
C THR A 276 -9.37 25.41 1.90
N ILE A 277 -8.92 24.59 2.86
CA ILE A 277 -9.29 23.16 2.91
C ILE A 277 -10.57 23.09 3.72
N LEU A 278 -11.60 22.43 3.18
CA LEU A 278 -12.91 22.37 3.80
C LEU A 278 -13.23 21.03 4.42
N GLY A 279 -12.61 19.98 3.91
CA GLY A 279 -12.79 18.64 4.43
C GLY A 279 -11.99 17.60 3.66
N ARG A 280 -12.00 16.37 4.19
CA ARG A 280 -11.27 15.25 3.60
C ARG A 280 -12.12 13.98 3.69
N PHE A 281 -12.09 13.15 2.64
CA PHE A 281 -12.70 11.82 2.61
C PHE A 281 -11.51 10.87 2.66
N ASP A 282 -11.26 10.27 3.84
CA ASP A 282 -10.11 9.39 4.03
C ASP A 282 -10.52 7.95 3.72
N TYR A 283 -9.55 7.16 3.23
CA TYR A 283 -9.78 5.77 2.90
C TYR A 283 -8.44 5.03 2.90
N SER A 284 -8.43 3.77 2.49
CA SER A 284 -7.20 3.00 2.52
C SER A 284 -6.93 2.29 1.21
N GLN A 285 -5.66 1.85 1.01
CA GLN A 285 -5.22 1.00 -0.10
C GLN A 285 -5.67 1.54 -1.47
N CYS A 286 -5.50 2.84 -1.67
CA CYS A 286 -5.75 3.46 -2.96
C CYS A 286 -4.63 4.47 -3.18
N ASP A 287 -3.39 3.95 -3.19
CA ASP A 287 -2.17 4.73 -3.24
C ASP A 287 -1.33 4.50 -4.52
N ILE A 288 -2.00 4.00 -5.56
CA ILE A 288 -1.40 3.83 -6.88
C ILE A 288 -1.97 4.93 -7.79
N TRP A 289 -1.24 5.30 -8.86
CA TRP A 289 -1.64 6.29 -9.83
C TRP A 289 -2.79 5.75 -10.69
N TYR A 290 -3.65 6.66 -11.17
CA TYR A 290 -4.74 6.36 -12.11
C TYR A 290 -5.90 5.61 -11.48
N MET A 291 -6.57 6.29 -10.56
CA MET A 291 -7.75 5.78 -9.86
C MET A 291 -8.72 6.96 -9.79
N ARG A 292 -9.86 6.80 -10.40
CA ARG A 292 -10.84 7.89 -10.48
C ARG A 292 -11.94 7.75 -9.50
N PHE A 293 -12.45 8.90 -9.03
CA PHE A 293 -13.64 8.87 -8.19
C PHE A 293 -14.77 9.41 -9.06
N SER A 294 -16.02 9.15 -8.68
N SER A 294 -16.02 9.15 -8.66
CA SER A 294 -17.13 9.68 -9.47
CA SER A 294 -17.15 9.62 -9.44
C SER A 294 -18.28 10.09 -8.56
C SER A 294 -18.28 10.09 -8.53
N MET A 295 -19.15 10.98 -9.03
CA MET A 295 -20.33 11.39 -8.28
C MET A 295 -21.52 10.99 -9.14
N ASP A 296 -22.66 10.87 -8.49
CA ASP A 296 -23.88 10.61 -9.25
C ASP A 296 -24.36 11.94 -9.88
N PHE A 297 -25.41 11.85 -10.72
CA PHE A 297 -25.91 13.01 -11.46
C PHE A 297 -26.29 14.19 -10.53
N TRP A 298 -26.96 13.91 -9.43
CA TRP A 298 -27.43 14.93 -8.48
C TRP A 298 -26.35 15.38 -7.51
N GLN A 299 -25.14 14.77 -7.58
CA GLN A 299 -24.00 15.08 -6.70
C GLN A 299 -24.35 14.88 -5.22
N LYS A 300 -25.08 13.81 -4.92
CA LYS A 300 -25.45 13.48 -3.53
C LYS A 300 -24.66 12.25 -3.08
N MET A 301 -23.96 11.58 -4.01
CA MET A 301 -23.15 10.41 -3.68
C MET A 301 -21.81 10.47 -4.35
N LEU A 302 -20.80 9.94 -3.67
CA LEU A 302 -19.42 9.95 -4.16
C LEU A 302 -18.90 8.51 -4.07
N ALA A 303 -18.26 8.00 -5.14
CA ALA A 303 -17.73 6.63 -5.09
C ALA A 303 -16.29 6.57 -5.54
N LEU A 304 -15.52 5.67 -4.95
CA LEU A 304 -14.13 5.49 -5.34
C LEU A 304 -13.77 4.04 -5.07
N GLY A 305 -13.15 3.41 -6.05
CA GLY A 305 -12.69 2.04 -5.87
C GLY A 305 -11.26 2.04 -5.39
N ASN A 306 -10.83 0.97 -4.71
CA ASN A 306 -9.44 0.92 -4.27
C ASN A 306 -8.65 -0.18 -5.03
N GLN A 307 -7.35 -0.29 -4.75
CA GLN A 307 -6.49 -1.18 -5.51
C GLN A 307 -6.66 -2.67 -5.21
N VAL A 308 -7.51 -3.04 -4.23
CA VAL A 308 -7.76 -4.44 -3.88
C VAL A 308 -9.25 -4.81 -4.07
N GLY A 309 -9.96 -4.02 -4.88
CA GLY A 309 -11.35 -4.30 -5.24
C GLY A 309 -12.42 -3.95 -4.24
N LYS A 310 -12.10 -3.06 -3.30
CA LYS A 310 -13.10 -2.54 -2.38
C LYS A 310 -13.66 -1.24 -2.97
N LEU A 311 -14.96 -1.04 -2.82
CA LEU A 311 -15.64 0.13 -3.36
C LEU A 311 -16.15 1.01 -2.23
N TYR A 312 -15.63 2.24 -2.12
CA TYR A 312 -16.04 3.17 -1.07
C TYR A 312 -17.17 4.05 -1.61
N VAL A 313 -18.21 4.27 -0.81
CA VAL A 313 -19.34 5.13 -1.19
C VAL A 313 -19.64 6.08 -0.03
N TRP A 314 -19.71 7.38 -0.34
CA TRP A 314 -20.06 8.40 0.65
C TRP A 314 -21.38 9.05 0.27
N ASP A 315 -22.17 9.39 1.29
CA ASP A 315 -23.42 10.13 1.12
C ASP A 315 -23.04 11.58 1.39
N LEU A 316 -23.08 12.43 0.35
CA LEU A 316 -22.71 13.84 0.47
C LEU A 316 -23.77 14.71 1.15
N GLU A 317 -25.01 14.19 1.34
CA GLU A 317 -26.11 14.97 1.93
C GLU A 317 -25.97 15.23 3.44
N CYS A 326 -19.29 6.69 5.40
CA CYS A 326 -18.70 5.84 4.35
C CYS A 326 -19.16 4.39 4.44
N THR A 327 -19.56 3.81 3.31
CA THR A 327 -19.94 2.41 3.18
C THR A 327 -18.89 1.74 2.32
N THR A 328 -18.43 0.52 2.71
CA THR A 328 -17.46 -0.24 1.92
C THR A 328 -18.20 -1.43 1.30
N LEU A 329 -18.20 -1.49 -0.02
CA LEU A 329 -18.85 -2.57 -0.77
C LEU A 329 -17.76 -3.56 -1.19
N THR A 330 -17.90 -4.82 -0.77
CA THR A 330 -16.92 -5.87 -1.08
C THR A 330 -17.58 -7.13 -1.59
N HIS A 331 -16.85 -7.88 -2.41
CA HIS A 331 -17.28 -9.18 -2.90
C HIS A 331 -16.04 -10.08 -2.90
N HIS A 332 -16.18 -11.31 -2.41
CA HIS A 332 -15.06 -12.25 -2.29
C HIS A 332 -14.35 -12.54 -3.62
N LYS A 333 -15.03 -12.36 -4.78
CA LYS A 333 -14.46 -12.60 -6.12
C LYS A 333 -13.87 -11.31 -6.73
N CYS A 334 -14.08 -10.15 -6.09
CA CYS A 334 -13.59 -8.85 -6.55
C CYS A 334 -12.34 -8.44 -5.78
N GLY A 335 -11.16 -8.73 -6.32
CA GLY A 335 -9.88 -8.43 -5.68
C GLY A 335 -8.92 -7.56 -6.48
N ALA A 336 -9.28 -7.18 -7.74
CA ALA A 336 -8.40 -6.37 -8.60
C ALA A 336 -8.69 -4.87 -8.44
N ALA A 337 -7.70 -4.02 -8.79
CA ALA A 337 -7.92 -2.56 -8.65
C ALA A 337 -9.14 -2.08 -9.43
N ILE A 338 -10.01 -1.28 -8.78
CA ILE A 338 -11.18 -0.68 -9.43
C ILE A 338 -10.74 0.70 -9.91
N ARG A 339 -10.57 0.84 -11.23
CA ARG A 339 -10.08 2.05 -11.84
C ARG A 339 -11.08 3.21 -11.94
N GLN A 340 -12.33 2.87 -12.20
CA GLN A 340 -13.41 3.87 -12.32
C GLN A 340 -14.75 3.21 -12.06
N THR A 341 -15.70 4.04 -11.62
CA THR A 341 -17.06 3.64 -11.32
C THR A 341 -18.00 4.63 -12.00
N SER A 342 -19.24 4.22 -12.20
CA SER A 342 -20.27 5.08 -12.77
C SER A 342 -21.62 4.74 -12.20
N PHE A 343 -22.35 5.79 -11.79
CA PHE A 343 -23.71 5.60 -11.30
C PHE A 343 -24.70 5.76 -12.49
N SER A 344 -25.82 5.01 -12.45
CA SER A 344 -26.92 5.24 -13.42
C SER A 344 -27.49 6.63 -13.08
N ARG A 345 -28.18 7.29 -14.03
CA ARG A 345 -28.72 8.62 -13.79
C ARG A 345 -29.58 8.71 -12.51
N ASP A 346 -30.38 7.67 -12.22
CA ASP A 346 -31.27 7.66 -11.04
C ASP A 346 -30.54 7.21 -9.74
N SER A 347 -29.24 6.90 -9.85
CA SER A 347 -28.35 6.45 -8.76
C SER A 347 -28.75 5.09 -8.16
N SER A 348 -29.62 4.32 -8.86
CA SER A 348 -30.02 3.01 -8.35
C SER A 348 -28.99 1.92 -8.70
N ILE A 349 -28.09 2.19 -9.68
CA ILE A 349 -27.08 1.23 -10.10
C ILE A 349 -25.71 1.89 -10.04
N LEU A 350 -24.70 1.15 -9.57
CA LEU A 350 -23.31 1.59 -9.56
C LEU A 350 -22.50 0.48 -10.22
N ILE A 351 -21.78 0.83 -11.31
CA ILE A 351 -20.94 -0.14 -12.01
C ILE A 351 -19.47 0.17 -11.69
N ALA A 352 -18.66 -0.87 -11.42
CA ALA A 352 -17.24 -0.71 -11.15
C ALA A 352 -16.47 -1.55 -12.15
N VAL A 353 -15.36 -1.01 -12.69
CA VAL A 353 -14.54 -1.74 -13.69
C VAL A 353 -13.10 -1.90 -13.16
N CYS A 354 -12.46 -3.05 -13.47
CA CYS A 354 -11.19 -3.44 -12.84
C CYS A 354 -10.03 -3.73 -13.78
N ASP A 355 -8.84 -3.84 -13.17
CA ASP A 355 -7.59 -4.22 -13.84
C ASP A 355 -7.62 -5.60 -14.48
N ASP A 356 -8.48 -6.52 -13.98
CA ASP A 356 -8.57 -7.89 -14.53
C ASP A 356 -9.70 -8.03 -15.56
N ALA A 357 -10.19 -6.90 -16.13
CA ALA A 357 -11.25 -6.82 -17.15
C ALA A 357 -12.63 -7.16 -16.60
N SER A 358 -12.80 -7.17 -15.26
CA SER A 358 -14.10 -7.48 -14.68
C SER A 358 -14.95 -6.23 -14.47
N ILE A 359 -16.29 -6.42 -14.51
CA ILE A 359 -17.33 -5.39 -14.38
C ILE A 359 -18.23 -5.88 -13.26
N TRP A 360 -18.53 -5.01 -12.29
CA TRP A 360 -19.33 -5.36 -11.12
C TRP A 360 -20.54 -4.46 -11.03
N ARG A 361 -21.73 -5.07 -10.89
CA ARG A 361 -22.97 -4.30 -10.81
C ARG A 361 -23.51 -4.32 -9.40
N TRP A 362 -23.69 -3.13 -8.82
CA TRP A 362 -24.24 -2.97 -7.47
C TRP A 362 -25.55 -2.22 -7.58
N ASP A 363 -26.63 -2.81 -7.06
CA ASP A 363 -27.96 -2.21 -7.11
C ASP A 363 -28.40 -1.78 -5.71
N ARG A 364 -29.04 -0.60 -5.63
CA ARG A 364 -29.54 0.01 -4.40
C ARG A 364 -30.96 -0.47 -4.14
N SER B 6 -8.18 -3.21 13.14
CA SER B 6 -8.50 -1.80 12.94
C SER B 6 -7.28 -0.90 13.30
N PHE B 7 -6.14 -1.19 12.68
CA PHE B 7 -4.94 -0.39 12.90
C PHE B 7 -4.91 0.83 11.99
N LYS B 8 -4.48 1.98 12.55
CA LYS B 8 -4.33 3.21 11.81
C LYS B 8 -2.92 3.72 12.00
N CYS B 9 -2.31 4.26 10.93
CA CYS B 9 -0.95 4.80 11.03
C CYS B 9 -1.03 6.18 11.68
N VAL B 10 -0.46 6.32 12.89
CA VAL B 10 -0.56 7.57 13.66
C VAL B 10 0.74 8.39 13.65
N ASN B 11 1.84 7.80 13.21
CA ASN B 11 3.10 8.50 13.18
C ASN B 11 4.13 7.76 12.37
N SER B 12 5.18 8.48 11.99
CA SER B 12 6.34 7.92 11.30
C SER B 12 7.51 8.87 11.47
N LEU B 13 8.72 8.32 11.48
CA LEU B 13 9.93 9.13 11.55
C LEU B 13 11.04 8.44 10.80
N LYS B 14 12.14 9.15 10.60
CA LYS B 14 13.29 8.57 9.92
C LYS B 14 14.52 8.84 10.77
N GLU B 15 15.36 7.81 10.96
CA GLU B 15 16.61 8.00 11.72
C GLU B 15 17.63 8.67 10.80
N ASP B 16 18.39 9.64 11.33
CA ASP B 16 19.35 10.46 10.58
C ASP B 16 20.49 9.70 9.88
N HIS B 17 20.80 8.48 10.34
CA HIS B 17 21.88 7.69 9.74
C HIS B 17 21.55 7.17 8.33
N ASN B 18 20.24 7.11 7.96
CA ASN B 18 19.73 6.70 6.64
C ASN B 18 20.11 5.25 6.25
N GLN B 19 20.50 4.43 7.23
CA GLN B 19 20.87 3.03 7.00
C GLN B 19 19.69 2.10 7.34
N PRO B 20 19.64 0.87 6.76
CA PRO B 20 18.54 -0.04 7.12
C PRO B 20 18.44 -0.36 8.60
N LEU B 21 17.20 -0.45 9.09
CA LEU B 21 16.95 -0.87 10.45
C LEU B 21 16.57 -2.33 10.36
N PHE B 22 17.34 -3.21 11.04
CA PHE B 22 17.13 -4.65 10.97
C PHE B 22 16.38 -5.25 12.15
N GLY B 23 16.30 -4.51 13.25
CA GLY B 23 15.61 -5.00 14.43
C GLY B 23 14.81 -3.95 15.15
N VAL B 24 13.73 -4.39 15.79
CA VAL B 24 12.87 -3.56 16.62
C VAL B 24 12.25 -4.44 17.68
N GLN B 25 12.31 -4.00 18.92
CA GLN B 25 11.69 -4.75 20.00
C GLN B 25 11.09 -3.81 21.03
N PHE B 26 9.81 -4.00 21.36
CA PHE B 26 9.21 -3.30 22.49
C PHE B 26 9.73 -4.01 23.74
N ASN B 27 9.83 -3.27 24.84
CA ASN B 27 10.20 -3.84 26.12
C ASN B 27 8.92 -4.42 26.73
N TRP B 28 8.79 -5.76 26.78
CA TRP B 28 7.60 -6.38 27.37
C TRP B 28 7.70 -6.59 28.87
N HIS B 29 8.82 -6.14 29.49
CA HIS B 29 9.04 -6.29 30.94
C HIS B 29 8.53 -5.12 31.80
N SER B 30 7.93 -4.10 31.19
CA SER B 30 7.38 -2.94 31.91
C SER B 30 5.95 -3.22 32.46
N LYS B 31 5.60 -2.63 33.61
CA LYS B 31 4.27 -2.78 34.23
C LYS B 31 3.22 -1.93 33.50
N GLU B 32 1.89 -2.20 33.71
CA GLU B 32 0.82 -1.39 33.11
C GLU B 32 0.93 0.05 33.60
N GLY B 33 0.73 1.02 32.71
CA GLY B 33 0.87 2.43 33.05
C GLY B 33 2.30 2.95 33.05
N ASP B 34 3.31 2.04 32.94
CA ASP B 34 4.70 2.45 32.92
C ASP B 34 5.10 2.81 31.48
N PRO B 35 6.19 3.61 31.22
CA PRO B 35 6.53 3.98 29.84
C PRO B 35 6.59 2.84 28.82
N LEU B 36 5.93 3.04 27.66
CA LEU B 36 5.91 2.08 26.55
C LEU B 36 7.13 2.39 25.73
N VAL B 37 8.15 1.54 25.85
CA VAL B 37 9.44 1.79 25.18
C VAL B 37 9.81 0.70 24.18
N PHE B 38 10.42 1.12 23.05
CA PHE B 38 10.96 0.20 22.05
C PHE B 38 12.36 0.60 21.63
N ALA B 39 13.15 -0.40 21.24
CA ALA B 39 14.51 -0.22 20.75
C ALA B 39 14.53 -0.55 19.27
N THR B 40 15.35 0.19 18.48
CA THR B 40 15.57 -0.09 17.08
C THR B 40 17.09 -0.29 16.90
N VAL B 41 17.50 -1.18 16.01
CA VAL B 41 18.92 -1.41 15.72
C VAL B 41 19.15 -1.39 14.22
N GLY B 42 20.31 -0.91 13.85
CA GLY B 42 20.73 -0.90 12.46
C GLY B 42 22.01 -0.13 12.38
N SER B 43 22.89 -0.49 11.40
CA SER B 43 24.22 0.13 11.27
C SER B 43 24.91 -0.04 12.65
N ASN B 44 25.61 0.97 13.15
CA ASN B 44 26.27 0.85 14.47
C ASN B 44 25.41 1.58 15.52
N ARG B 45 24.09 1.61 15.30
CA ARG B 45 23.20 2.38 16.18
C ARG B 45 22.18 1.54 16.90
N VAL B 46 21.88 1.93 18.17
CA VAL B 46 20.83 1.37 19.01
C VAL B 46 20.09 2.59 19.49
N THR B 47 18.78 2.66 19.25
CA THR B 47 18.01 3.84 19.64
C THR B 47 16.78 3.44 20.43
N LEU B 48 16.47 4.18 21.52
CA LEU B 48 15.31 3.92 22.35
C LEU B 48 14.29 5.00 22.14
N TYR B 49 13.01 4.61 22.09
CA TYR B 49 11.92 5.54 21.91
C TYR B 49 10.79 5.25 22.89
N GLU B 50 10.03 6.27 23.26
CA GLU B 50 8.87 6.08 24.07
C GLU B 50 7.62 6.43 23.23
N CYS B 51 6.61 5.57 23.31
CA CYS B 51 5.31 5.81 22.67
C CYS B 51 4.41 6.52 23.67
N HIS B 52 4.01 7.73 23.32
CA HIS B 52 3.10 8.54 24.13
C HIS B 52 1.73 8.55 23.46
N SER B 53 0.72 9.11 24.15
CA SER B 53 -0.63 9.22 23.58
C SER B 53 -0.61 10.13 22.34
N GLN B 54 -1.70 10.11 21.54
CA GLN B 54 -1.88 10.94 20.34
C GLN B 54 -0.83 10.64 19.27
N GLY B 55 -0.30 9.41 19.28
CA GLY B 55 0.69 8.97 18.31
C GLY B 55 2.10 9.51 18.48
N GLU B 56 2.34 10.32 19.53
CA GLU B 56 3.68 10.89 19.79
C GLU B 56 4.73 9.81 20.08
N ILE B 57 5.89 9.92 19.41
CA ILE B 57 7.05 9.06 19.61
C ILE B 57 8.13 10.00 20.09
N ARG B 58 8.72 9.68 21.24
CA ARG B 58 9.75 10.55 21.80
C ARG B 58 11.06 9.80 21.79
N LEU B 59 12.11 10.43 21.24
CA LEU B 59 13.45 9.87 21.22
C LEU B 59 14.00 9.95 22.66
N LEU B 60 14.42 8.81 23.22
CA LEU B 60 14.92 8.76 24.60
C LEU B 60 16.42 8.85 24.64
N GLN B 61 17.07 7.92 23.95
CA GLN B 61 18.53 7.86 23.95
C GLN B 61 19.02 7.15 22.73
N SER B 62 20.25 7.47 22.37
CA SER B 62 20.92 6.84 21.24
C SER B 62 22.24 6.28 21.73
N TYR B 63 22.57 5.09 21.28
CA TYR B 63 23.84 4.44 21.53
C TYR B 63 24.49 4.40 20.15
N VAL B 64 25.73 4.90 20.07
CA VAL B 64 26.52 4.91 18.84
C VAL B 64 27.76 4.08 19.16
N ASP B 65 27.92 2.94 18.48
CA ASP B 65 29.06 2.05 18.73
C ASP B 65 30.36 2.70 18.33
N ALA B 66 31.41 2.52 19.16
CA ALA B 66 32.75 3.06 18.90
C ALA B 66 33.27 2.56 17.54
N ASP B 67 32.86 1.35 17.12
CA ASP B 67 33.25 0.78 15.83
C ASP B 67 32.23 1.20 14.78
N ALA B 68 32.64 2.06 13.85
CA ALA B 68 31.77 2.57 12.79
C ALA B 68 31.32 1.49 11.80
N ASP B 69 32.07 0.39 11.70
CA ASP B 69 31.78 -0.71 10.78
C ASP B 69 30.88 -1.82 11.36
N GLU B 70 30.50 -1.70 12.66
CA GLU B 70 29.59 -2.69 13.25
C GLU B 70 28.21 -2.52 12.57
N ASN B 71 27.53 -3.65 12.26
CA ASN B 71 26.16 -3.60 11.71
C ASN B 71 25.28 -4.44 12.61
N PHE B 72 24.47 -3.81 13.47
CA PHE B 72 23.59 -4.54 14.37
C PHE B 72 22.45 -5.21 13.63
N TYR B 73 22.22 -6.48 13.94
CA TYR B 73 21.18 -7.25 13.29
C TYR B 73 20.03 -7.61 14.20
N THR B 74 20.25 -7.55 15.52
CA THR B 74 19.30 -8.05 16.51
C THR B 74 19.45 -7.38 17.85
N CYS B 75 18.35 -7.33 18.59
CA CYS B 75 18.35 -6.86 19.97
C CYS B 75 17.32 -7.62 20.76
N ALA B 76 17.51 -7.67 22.07
CA ALA B 76 16.56 -8.37 22.95
C ALA B 76 16.61 -7.75 24.32
N TRP B 77 15.45 -7.59 24.95
CA TRP B 77 15.33 -7.03 26.29
C TRP B 77 15.37 -8.11 27.37
N THR B 78 15.91 -7.75 28.53
CA THR B 78 15.88 -8.56 29.72
C THR B 78 15.79 -7.60 30.90
N TYR B 79 15.98 -8.13 32.09
CA TYR B 79 15.99 -7.33 33.32
C TYR B 79 16.99 -7.97 34.27
N ASP B 80 17.47 -7.16 35.22
CA ASP B 80 18.40 -7.61 36.25
C ASP B 80 17.55 -8.40 37.26
N SER B 81 17.89 -9.67 37.51
CA SER B 81 17.12 -10.56 38.40
C SER B 81 17.05 -10.06 39.87
N ASN B 82 17.97 -9.17 40.32
CA ASN B 82 18.00 -8.61 41.68
C ASN B 82 17.26 -7.28 41.85
N THR B 83 17.26 -6.41 40.81
CA THR B 83 16.65 -5.06 40.90
C THR B 83 15.43 -4.85 40.01
N SER B 84 15.22 -5.75 39.01
CA SER B 84 14.18 -5.68 37.99
C SER B 84 14.42 -4.52 37.01
N HIS B 85 15.62 -3.88 37.05
CA HIS B 85 15.97 -2.80 36.13
C HIS B 85 16.16 -3.38 34.72
N PRO B 86 15.62 -2.72 33.67
CA PRO B 86 15.76 -3.26 32.30
C PRO B 86 17.19 -3.24 31.78
N LEU B 87 17.50 -4.18 30.87
CA LEU B 87 18.78 -4.30 30.18
C LEU B 87 18.47 -4.65 28.72
N LEU B 88 19.31 -4.19 27.79
CA LEU B 88 19.11 -4.48 26.37
C LEU B 88 20.38 -5.13 25.81
N ALA B 89 20.24 -6.29 25.14
CA ALA B 89 21.37 -6.98 24.52
C ALA B 89 21.31 -6.70 23.03
N VAL B 90 22.46 -6.42 22.42
CA VAL B 90 22.51 -6.11 20.98
C VAL B 90 23.68 -6.88 20.37
N ALA B 91 23.55 -7.26 19.10
CA ALA B 91 24.66 -7.93 18.39
C ALA B 91 24.44 -7.87 16.89
N GLY B 92 25.49 -8.14 16.13
CA GLY B 92 25.40 -8.14 14.68
C GLY B 92 26.64 -8.67 14.00
N SER B 93 27.04 -7.99 12.91
CA SER B 93 28.15 -8.40 12.04
C SER B 93 29.44 -8.74 12.75
N ARG B 94 29.82 -7.99 13.82
CA ARG B 94 31.08 -8.23 14.53
C ARG B 94 31.10 -9.50 15.39
N GLY B 95 29.94 -10.07 15.69
CA GLY B 95 29.87 -11.27 16.51
C GLY B 95 30.12 -10.98 17.98
N ILE B 96 29.94 -9.73 18.39
CA ILE B 96 30.13 -9.30 19.78
C ILE B 96 28.78 -9.01 20.40
N ILE B 97 28.54 -9.56 21.60
CA ILE B 97 27.30 -9.28 22.32
C ILE B 97 27.57 -8.11 23.24
N ARG B 98 26.73 -7.07 23.18
CA ARG B 98 26.86 -5.93 24.08
C ARG B 98 25.61 -5.84 24.93
N ILE B 99 25.81 -5.68 26.25
CA ILE B 99 24.72 -5.49 27.21
C ILE B 99 24.73 -4.00 27.53
N ILE B 100 23.59 -3.33 27.27
CA ILE B 100 23.41 -1.89 27.44
C ILE B 100 22.47 -1.60 28.59
N ASN B 101 22.85 -0.62 29.43
CA ASN B 101 22.00 -0.10 30.48
C ASN B 101 21.12 0.92 29.75
N PRO B 102 19.80 0.67 29.62
CA PRO B 102 18.95 1.59 28.84
C PRO B 102 18.63 2.93 29.51
N ILE B 103 18.91 3.08 30.81
CA ILE B 103 18.67 4.34 31.52
C ILE B 103 19.74 5.38 31.14
N THR B 104 21.01 4.94 31.05
CA THR B 104 22.17 5.77 30.73
C THR B 104 22.65 5.58 29.26
N MET B 105 22.18 4.53 28.57
CA MET B 105 22.56 4.14 27.20
C MET B 105 24.05 3.80 27.10
N GLN B 106 24.63 3.36 28.22
CA GLN B 106 26.03 2.96 28.31
C GLN B 106 26.16 1.45 28.25
N CYS B 107 27.19 0.97 27.54
CA CYS B 107 27.52 -0.44 27.42
C CYS B 107 28.12 -0.90 28.76
N ILE B 108 27.42 -1.80 29.46
CA ILE B 108 27.81 -2.37 30.76
C ILE B 108 28.89 -3.40 30.56
N LYS B 109 28.66 -4.31 29.61
CA LYS B 109 29.51 -5.45 29.40
C LYS B 109 29.40 -5.95 27.97
N HIS B 110 30.47 -6.58 27.49
CA HIS B 110 30.48 -7.13 26.16
C HIS B 110 31.24 -8.42 26.17
N TYR B 111 31.25 -9.08 25.07
CA TYR B 111 32.08 -10.25 24.97
C TYR B 111 31.99 -10.77 23.59
N VAL B 112 33.11 -11.29 23.13
CA VAL B 112 33.22 -11.93 21.83
C VAL B 112 32.35 -13.17 21.96
N GLY B 113 31.15 -13.08 21.41
CA GLY B 113 30.18 -14.17 21.43
C GLY B 113 30.57 -15.33 20.53
N HIS B 114 30.86 -15.03 19.28
CA HIS B 114 31.17 -15.99 18.20
C HIS B 114 32.29 -15.44 17.29
N GLY B 115 32.80 -16.29 16.40
CA GLY B 115 33.81 -15.93 15.41
C GLY B 115 33.21 -15.41 14.11
N ASN B 116 31.84 -15.30 14.08
CA ASN B 116 31.19 -14.71 12.92
C ASN B 116 29.96 -13.97 13.40
N ALA B 117 29.28 -13.27 12.49
CA ALA B 117 28.11 -12.49 12.82
C ALA B 117 27.08 -13.26 13.63
N ILE B 118 26.34 -12.53 14.47
CA ILE B 118 25.22 -13.03 15.26
C ILE B 118 23.95 -12.50 14.56
N ASN B 119 23.08 -13.42 14.17
CA ASN B 119 21.83 -13.11 13.49
C ASN B 119 20.64 -12.93 14.41
N GLU B 120 20.68 -13.54 15.58
CA GLU B 120 19.57 -13.37 16.52
C GLU B 120 20.01 -13.58 17.95
N LEU B 121 19.39 -12.84 18.85
CA LEU B 121 19.55 -12.97 20.30
C LEU B 121 18.16 -13.21 20.87
N LYS B 122 18.07 -14.10 21.86
CA LYS B 122 16.80 -14.34 22.54
C LYS B 122 17.10 -14.62 23.99
N PHE B 123 16.30 -14.05 24.89
CA PHE B 123 16.43 -14.35 26.31
C PHE B 123 15.47 -15.46 26.69
N HIS B 124 15.91 -16.32 27.61
CA HIS B 124 15.06 -17.41 28.13
C HIS B 124 13.79 -16.82 28.78
N PRO B 125 12.60 -17.35 28.48
CA PRO B 125 11.36 -16.74 29.00
C PRO B 125 11.18 -16.82 30.52
N ARG B 126 11.89 -17.76 31.19
CA ARG B 126 11.75 -17.94 32.64
C ARG B 126 13.07 -17.74 33.42
N ASP B 127 14.13 -17.26 32.77
CA ASP B 127 15.41 -16.91 33.39
C ASP B 127 16.03 -15.76 32.61
N PRO B 128 15.96 -14.52 33.18
CA PRO B 128 16.45 -13.34 32.47
C PRO B 128 17.95 -13.32 32.22
N ASN B 129 18.69 -14.18 32.89
CA ASN B 129 20.14 -14.25 32.74
C ASN B 129 20.60 -15.16 31.61
N LEU B 130 19.71 -15.97 31.07
CA LEU B 130 20.05 -16.92 30.01
C LEU B 130 19.80 -16.36 28.64
N LEU B 131 20.89 -16.07 27.94
CA LEU B 131 20.89 -15.49 26.60
C LEU B 131 21.29 -16.49 25.53
N LEU B 132 20.47 -16.61 24.50
CA LEU B 132 20.80 -17.50 23.37
C LEU B 132 21.25 -16.63 22.20
N SER B 133 22.40 -16.96 21.59
CA SER B 133 22.88 -16.27 20.39
C SER B 133 22.96 -17.30 19.23
N VAL B 134 22.62 -16.87 18.00
CA VAL B 134 22.63 -17.76 16.83
C VAL B 134 23.54 -17.08 15.84
N SER B 135 24.41 -17.84 15.19
CA SER B 135 25.45 -17.23 14.40
C SER B 135 25.70 -17.81 13.01
N LYS B 136 26.36 -17.00 12.18
CA LYS B 136 26.83 -17.40 10.85
C LYS B 136 27.91 -18.48 10.98
N ASP B 137 28.48 -18.68 12.21
CA ASP B 137 29.50 -19.73 12.39
C ASP B 137 28.86 -21.15 12.48
N HIS B 138 27.51 -21.27 12.26
CA HIS B 138 26.73 -22.55 12.25
C HIS B 138 26.28 -23.03 13.63
N ALA B 139 26.58 -22.26 14.67
CA ALA B 139 26.25 -22.68 16.03
C ALA B 139 25.31 -21.73 16.76
N LEU B 140 24.74 -22.23 17.84
CA LEU B 140 23.99 -21.46 18.82
C LEU B 140 24.81 -21.54 20.09
N ARG B 141 24.77 -20.48 20.89
CA ARG B 141 25.46 -20.47 22.19
C ARG B 141 24.51 -19.99 23.25
N LEU B 142 24.54 -20.63 24.43
CA LEU B 142 23.69 -20.24 25.56
C LEU B 142 24.60 -19.67 26.61
N TRP B 143 24.37 -18.41 27.01
CA TRP B 143 25.21 -17.70 27.97
C TRP B 143 24.49 -17.43 29.25
N ASN B 144 25.23 -17.34 30.35
CA ASN B 144 24.65 -16.92 31.62
C ASN B 144 25.31 -15.55 31.80
N ILE B 145 24.53 -14.49 31.62
CA ILE B 145 25.06 -13.12 31.70
C ILE B 145 25.20 -12.61 33.15
N GLN B 146 24.79 -13.40 34.14
CA GLN B 146 25.00 -13.00 35.53
C GLN B 146 26.44 -13.39 35.92
N THR B 147 26.86 -14.63 35.58
CA THR B 147 28.19 -15.15 35.92
C THR B 147 29.18 -15.07 34.77
N ASP B 148 28.76 -14.55 33.59
CA ASP B 148 29.61 -14.41 32.38
C ASP B 148 30.17 -15.76 31.93
N THR B 149 29.29 -16.76 31.90
CA THR B 149 29.70 -18.13 31.52
C THR B 149 29.00 -18.61 30.26
N LEU B 150 29.71 -19.41 29.46
CA LEU B 150 29.14 -20.04 28.27
C LEU B 150 28.59 -21.39 28.81
N VAL B 151 27.26 -21.50 28.88
CA VAL B 151 26.60 -22.68 29.44
C VAL B 151 26.70 -23.87 28.48
N ALA B 152 26.36 -23.63 27.20
CA ALA B 152 26.32 -24.69 26.20
C ALA B 152 26.53 -24.13 24.81
N ILE B 153 27.04 -25.01 23.94
CA ILE B 153 27.22 -24.71 22.55
C ILE B 153 26.52 -25.80 21.70
N PHE B 154 25.63 -25.37 20.78
CA PHE B 154 24.79 -26.27 19.99
C PHE B 154 25.29 -26.28 18.57
N GLY B 155 25.96 -27.38 18.21
CA GLY B 155 26.58 -27.52 16.90
C GLY B 155 27.45 -28.76 16.87
N GLY B 156 27.71 -29.26 15.70
CA GLY B 156 28.56 -30.45 15.58
C GLY B 156 28.09 -31.29 14.42
N VAL B 157 28.32 -32.60 14.52
CA VAL B 157 28.01 -33.53 13.43
C VAL B 157 26.54 -33.42 13.00
N GLU B 158 25.60 -33.31 13.95
CA GLU B 158 24.17 -33.23 13.62
C GLU B 158 23.60 -31.83 13.83
N GLY B 159 24.49 -30.85 13.93
CA GLY B 159 24.11 -29.46 14.09
C GLY B 159 23.96 -28.82 12.71
N HIS B 160 23.66 -27.52 12.71
CA HIS B 160 23.50 -26.82 11.43
C HIS B 160 24.78 -26.91 10.58
N ARG B 161 24.62 -27.00 9.25
CA ARG B 161 25.74 -27.12 8.30
C ARG B 161 26.00 -25.81 7.58
N ASP B 162 25.26 -24.76 7.95
CA ASP B 162 25.38 -23.45 7.34
C ASP B 162 24.91 -22.41 8.34
N GLU B 163 24.95 -21.14 7.97
CA GLU B 163 24.61 -20.02 8.84
C GLU B 163 23.26 -20.23 9.53
N VAL B 164 23.20 -19.97 10.87
CA VAL B 164 21.98 -20.07 11.63
C VAL B 164 21.35 -18.68 11.62
N LEU B 165 20.06 -18.59 11.21
CA LEU B 165 19.38 -17.31 11.03
C LEU B 165 18.42 -16.93 12.10
N SER B 166 17.81 -17.91 12.78
CA SER B 166 16.82 -17.58 13.80
C SER B 166 16.71 -18.73 14.78
N ALA B 167 16.12 -18.46 15.94
CA ALA B 167 15.80 -19.48 16.94
C ALA B 167 14.79 -18.92 17.88
N ASP B 168 14.08 -19.79 18.56
CA ASP B 168 13.06 -19.36 19.50
C ASP B 168 12.96 -20.39 20.60
N TYR B 169 12.78 -19.93 21.84
CA TYR B 169 12.46 -20.80 22.96
C TYR B 169 10.94 -21.03 22.90
N ASP B 170 10.47 -22.18 23.43
CA ASP B 170 9.04 -22.43 23.58
C ASP B 170 8.56 -21.61 24.81
N LEU B 171 7.29 -21.75 25.19
CA LEU B 171 6.67 -20.96 26.26
C LEU B 171 7.46 -20.93 27.58
N LEU B 172 7.87 -22.10 28.08
CA LEU B 172 8.58 -22.21 29.35
C LEU B 172 10.09 -22.24 29.21
N GLY B 173 10.57 -22.21 27.96
CA GLY B 173 12.01 -22.32 27.74
C GLY B 173 12.54 -23.71 28.06
N GLU B 174 11.73 -24.76 27.77
CA GLU B 174 12.18 -26.16 27.92
C GLU B 174 12.90 -26.62 26.68
N LYS B 175 12.70 -25.92 25.54
CA LYS B 175 13.32 -26.34 24.28
C LYS B 175 13.45 -25.17 23.33
N ILE B 176 14.36 -25.31 22.36
CA ILE B 176 14.63 -24.28 21.38
C ILE B 176 14.44 -24.88 19.97
N MET B 177 13.86 -24.12 19.03
CA MET B 177 13.84 -24.52 17.62
C MET B 177 14.74 -23.50 16.92
N SER B 178 15.71 -23.96 16.10
CA SER B 178 16.62 -23.09 15.35
C SER B 178 16.45 -23.38 13.87
N CYS B 179 16.89 -22.46 13.00
CA CYS B 179 16.77 -22.67 11.56
C CYS B 179 17.80 -21.84 10.83
N GLY B 180 18.08 -22.21 9.57
CA GLY B 180 19.02 -21.40 8.83
C GLY B 180 19.19 -21.71 7.37
N MET B 181 20.37 -21.34 6.86
CA MET B 181 20.72 -21.48 5.45
C MET B 181 20.79 -22.90 4.94
N ASP B 182 20.93 -23.91 5.85
CA ASP B 182 20.97 -25.30 5.43
C ASP B 182 19.56 -25.86 5.16
N HIS B 183 18.51 -25.00 5.24
CA HIS B 183 17.08 -25.31 5.00
C HIS B 183 16.51 -26.14 6.15
N SER B 184 17.29 -26.39 7.21
CA SER B 184 16.77 -27.26 8.26
C SER B 184 16.25 -26.47 9.45
N LEU B 185 15.38 -27.15 10.21
CA LEU B 185 14.86 -26.68 11.48
C LEU B 185 15.23 -27.78 12.47
N LYS B 186 15.88 -27.40 13.58
CA LYS B 186 16.38 -28.35 14.57
C LYS B 186 15.87 -27.99 15.94
N LEU B 187 15.52 -29.02 16.71
CA LEU B 187 15.00 -28.90 18.06
C LEU B 187 16.08 -29.24 19.04
N TRP B 188 16.23 -28.43 20.09
CA TRP B 188 17.25 -28.68 21.11
C TRP B 188 16.57 -28.59 22.46
N ARG B 189 16.47 -29.70 23.17
CA ARG B 189 15.83 -29.72 24.47
C ARG B 189 16.80 -29.23 25.52
N ILE B 190 16.36 -28.29 26.34
CA ILE B 190 17.24 -27.78 27.38
C ILE B 190 16.68 -28.12 28.77
N ASN B 191 15.66 -28.98 28.83
CA ASN B 191 15.11 -29.43 30.10
C ASN B 191 15.62 -30.85 30.45
N SER B 192 16.66 -31.33 29.75
CA SER B 192 17.29 -32.62 30.07
C SER B 192 18.00 -32.50 31.44
N LYS B 193 18.24 -33.62 32.14
CA LYS B 193 18.96 -33.57 33.43
C LYS B 193 20.35 -32.90 33.23
N ARG B 194 21.01 -33.22 32.12
CA ARG B 194 22.32 -32.66 31.75
C ARG B 194 22.27 -31.12 31.60
N MET B 195 21.29 -30.59 30.85
CA MET B 195 21.18 -29.14 30.64
C MET B 195 20.75 -28.40 31.89
N MET B 196 19.82 -29.00 32.67
CA MET B 196 19.38 -28.37 33.92
C MET B 196 20.55 -28.28 34.90
N ASN B 197 21.36 -29.34 35.01
CA ASN B 197 22.55 -29.33 35.87
C ASN B 197 23.59 -28.31 35.38
N ALA B 198 23.80 -28.22 34.05
CA ALA B 198 24.74 -27.26 33.46
C ALA B 198 24.31 -25.82 33.77
N ILE B 199 23.00 -25.51 33.65
CA ILE B 199 22.51 -24.17 34.00
C ILE B 199 22.75 -23.89 35.48
N LYS B 200 22.42 -24.88 36.34
CA LYS B 200 22.64 -24.75 37.78
C LYS B 200 24.12 -24.48 38.11
N GLU B 201 25.02 -25.24 37.48
CA GLU B 201 26.47 -25.11 37.67
C GLU B 201 26.98 -23.74 37.15
N SER B 202 26.36 -23.20 36.10
CA SER B 202 26.78 -21.90 35.56
C SER B 202 26.57 -20.80 36.61
N TYR B 203 25.58 -20.96 37.50
CA TYR B 203 25.32 -20.01 38.59
C TYR B 203 26.32 -20.14 39.73
N ASP B 204 26.94 -21.32 39.89
CA ASP B 204 27.92 -21.56 40.95
C ASP B 204 29.29 -21.12 40.51
N ARG B 212 37.11 -30.04 39.87
CA ARG B 212 36.70 -29.94 38.45
C ARG B 212 36.02 -28.57 38.14
N PRO B 213 36.62 -27.79 37.22
CA PRO B 213 36.05 -26.48 36.86
C PRO B 213 34.73 -26.59 36.10
N PHE B 214 34.04 -25.46 35.81
CA PHE B 214 32.85 -25.48 34.99
C PHE B 214 33.26 -25.81 33.55
N ILE B 215 32.60 -26.79 32.95
CA ILE B 215 32.82 -27.22 31.58
C ILE B 215 31.54 -26.97 30.79
N SER B 216 31.63 -26.12 29.78
CA SER B 216 30.49 -25.81 28.90
C SER B 216 30.00 -27.11 28.24
N GLN B 217 28.69 -27.22 28.02
CA GLN B 217 28.10 -28.41 27.36
C GLN B 217 28.25 -28.34 25.86
N LYS B 218 28.84 -29.37 25.27
CA LYS B 218 29.01 -29.44 23.82
C LYS B 218 27.88 -30.29 23.34
N ILE B 219 26.84 -29.67 22.77
CA ILE B 219 25.67 -30.41 22.31
C ILE B 219 25.80 -30.56 20.80
N HIS B 220 26.12 -31.77 20.36
CA HIS B 220 26.34 -32.03 18.93
C HIS B 220 25.14 -32.66 18.21
N PHE B 221 24.13 -33.09 18.98
CA PHE B 221 22.97 -33.81 18.49
C PHE B 221 21.67 -33.12 18.90
N PRO B 222 20.91 -32.61 17.94
CA PRO B 222 19.59 -32.05 18.28
C PRO B 222 18.64 -33.19 18.61
N ASP B 223 17.48 -32.84 19.18
CA ASP B 223 16.45 -33.78 19.59
C ASP B 223 15.41 -34.06 18.50
N PHE B 224 15.55 -33.40 17.35
CA PHE B 224 14.72 -33.53 16.17
C PHE B 224 15.32 -32.63 15.06
N SER B 225 15.26 -33.09 13.81
CA SER B 225 15.72 -32.26 12.72
C SER B 225 14.89 -32.55 11.49
N THR B 226 14.59 -31.51 10.69
CA THR B 226 13.88 -31.67 9.42
C THR B 226 14.38 -30.71 8.37
N ARG B 227 14.39 -31.16 7.09
CA ARG B 227 14.68 -30.29 5.95
C ARG B 227 13.49 -30.38 4.98
N ASP B 228 12.33 -30.89 5.47
CA ASP B 228 11.14 -31.16 4.64
C ASP B 228 10.08 -30.05 4.64
N ILE B 229 10.35 -28.89 5.25
CA ILE B 229 9.35 -27.81 5.31
C ILE B 229 9.52 -26.81 4.18
N HIS B 230 10.74 -26.26 4.06
CA HIS B 230 11.08 -25.26 3.08
C HIS B 230 12.16 -25.79 2.15
N ARG B 231 12.32 -25.15 0.97
CA ARG B 231 13.32 -25.55 -0.03
C ARG B 231 14.33 -24.41 -0.27
N ASN B 232 14.48 -23.50 0.72
CA ASN B 232 15.41 -22.37 0.66
C ASN B 232 15.76 -21.97 2.10
N TYR B 233 16.56 -20.90 2.26
CA TYR B 233 16.99 -20.45 3.59
C TYR B 233 15.79 -20.24 4.48
N VAL B 234 15.84 -20.75 5.73
CA VAL B 234 14.74 -20.55 6.67
C VAL B 234 15.17 -19.39 7.57
N ASP B 235 14.54 -18.21 7.41
CA ASP B 235 15.07 -17.03 8.12
C ASP B 235 14.27 -16.57 9.34
N CYS B 236 13.21 -17.27 9.73
CA CYS B 236 12.46 -16.89 10.92
C CYS B 236 11.69 -18.10 11.41
N VAL B 237 11.76 -18.35 12.72
CA VAL B 237 11.07 -19.48 13.35
C VAL B 237 10.51 -19.04 14.68
N ARG B 238 9.28 -19.43 14.97
CA ARG B 238 8.65 -19.09 16.24
C ARG B 238 7.74 -20.20 16.67
N TRP B 239 7.70 -20.48 18.00
CA TRP B 239 6.77 -21.48 18.53
C TRP B 239 5.37 -20.88 18.62
N LEU B 240 4.35 -21.69 18.35
CA LEU B 240 2.94 -21.31 18.53
C LEU B 240 2.36 -22.47 19.33
N GLY B 241 2.52 -22.40 20.65
CA GLY B 241 2.18 -23.52 21.52
C GLY B 241 3.17 -24.64 21.23
N ASP B 242 2.66 -25.86 20.94
CA ASP B 242 3.53 -27.01 20.59
C ASP B 242 3.81 -27.04 19.09
N LEU B 243 3.18 -26.12 18.32
CA LEU B 243 3.38 -26.06 16.87
C LEU B 243 4.52 -25.08 16.50
N ILE B 244 4.93 -25.10 15.25
CA ILE B 244 5.98 -24.18 14.80
C ILE B 244 5.47 -23.37 13.61
N LEU B 245 5.84 -22.09 13.59
CA LEU B 245 5.63 -21.22 12.42
C LEU B 245 7.02 -20.95 11.90
N SER B 246 7.25 -21.17 10.60
CA SER B 246 8.56 -20.82 10.05
C SER B 246 8.39 -20.29 8.64
N LYS B 247 9.32 -19.47 8.20
CA LYS B 247 9.25 -18.98 6.83
C LYS B 247 10.58 -19.04 6.12
N SER B 248 10.51 -19.07 4.80
CA SER B 248 11.66 -18.96 3.92
C SER B 248 11.33 -17.72 3.02
N CYS B 249 11.90 -17.61 1.83
CA CYS B 249 11.67 -16.47 0.92
C CYS B 249 10.71 -16.92 -0.19
N GLU B 250 9.79 -17.86 0.11
CA GLU B 250 8.84 -18.41 -0.85
C GLU B 250 7.39 -17.88 -0.65
N ASN B 251 7.23 -16.70 -0.03
CA ASN B 251 5.95 -16.01 0.13
C ASN B 251 4.91 -16.80 0.95
N ALA B 252 5.37 -17.52 1.98
CA ALA B 252 4.48 -18.22 2.91
C ALA B 252 5.18 -18.47 4.25
N ILE B 253 4.38 -18.42 5.31
CA ILE B 253 4.74 -18.83 6.65
C ILE B 253 4.04 -20.16 6.80
N VAL B 254 4.80 -21.22 7.12
CA VAL B 254 4.25 -22.57 7.22
C VAL B 254 4.05 -22.92 8.69
N CYS B 255 2.87 -23.47 9.03
CA CYS B 255 2.59 -23.94 10.38
C CYS B 255 2.72 -25.45 10.33
N TRP B 256 3.60 -26.00 11.14
CA TRP B 256 3.86 -27.43 11.11
C TRP B 256 4.21 -27.96 12.49
N LYS B 257 4.32 -29.29 12.57
CA LYS B 257 4.76 -29.92 13.82
C LYS B 257 5.64 -31.13 13.53
N PRO B 258 6.57 -31.48 14.43
CA PRO B 258 7.34 -32.72 14.25
C PRO B 258 6.41 -33.92 14.40
N GLY B 259 6.73 -35.00 13.70
CA GLY B 259 5.97 -36.25 13.74
C GLY B 259 4.64 -36.22 13.04
N LYS B 260 3.83 -37.24 13.30
CA LYS B 260 2.51 -37.41 12.74
C LYS B 260 1.50 -36.53 13.49
N MET B 261 0.28 -36.39 12.94
CA MET B 261 -0.78 -35.53 13.49
C MET B 261 -1.02 -35.70 15.00
N GLU B 262 -1.13 -36.95 15.49
CA GLU B 262 -1.41 -37.22 16.91
C GLU B 262 -0.16 -37.35 17.79
N ASP B 263 1.05 -37.06 17.25
CA ASP B 263 2.28 -37.18 18.02
C ASP B 263 2.53 -36.00 18.97
N ASP B 264 2.62 -36.31 20.29
CA ASP B 264 2.93 -35.31 21.31
C ASP B 264 4.38 -34.88 21.11
N ILE B 265 4.63 -33.55 21.14
CA ILE B 265 5.96 -32.95 20.99
C ILE B 265 6.98 -33.54 21.97
N ASP B 266 6.53 -33.86 23.20
CA ASP B 266 7.45 -34.34 24.21
C ASP B 266 7.69 -35.85 24.13
N LYS B 267 7.05 -36.54 23.16
CA LYS B 267 7.28 -37.94 22.88
C LYS B 267 8.17 -38.12 21.61
N ILE B 268 8.35 -37.04 20.82
CA ILE B 268 9.18 -37.00 19.60
C ILE B 268 10.61 -37.43 19.96
N LYS B 269 11.12 -38.48 19.29
CA LYS B 269 12.48 -39.01 19.46
C LYS B 269 13.41 -38.34 18.42
N PRO B 270 14.76 -38.29 18.65
CA PRO B 270 15.64 -37.66 17.66
C PRO B 270 15.66 -38.31 16.30
N SER B 271 15.20 -39.56 16.23
CA SER B 271 15.12 -40.38 15.01
C SER B 271 13.81 -40.15 14.24
N GLU B 272 12.91 -39.27 14.74
CA GLU B 272 11.63 -38.96 14.07
C GLU B 272 11.86 -38.48 12.63
N SER B 273 11.35 -39.26 11.65
CA SER B 273 11.53 -38.97 10.24
C SER B 273 10.39 -38.15 9.61
N ASN B 274 9.24 -38.03 10.30
CA ASN B 274 8.07 -37.32 9.80
C ASN B 274 7.81 -35.91 10.36
N VAL B 275 7.08 -35.10 9.59
CA VAL B 275 6.54 -33.79 9.94
C VAL B 275 5.11 -33.77 9.43
N THR B 276 4.28 -32.91 10.04
CA THR B 276 2.92 -32.70 9.60
C THR B 276 2.75 -31.21 9.31
N ILE B 277 2.31 -30.86 8.08
CA ILE B 277 2.03 -29.49 7.70
C ILE B 277 0.57 -29.24 8.10
N LEU B 278 0.33 -28.18 8.87
CA LEU B 278 -1.01 -27.86 9.39
C LEU B 278 -1.70 -26.74 8.66
N GLY B 279 -0.91 -25.85 8.08
CA GLY B 279 -1.44 -24.74 7.30
C GLY B 279 -0.36 -23.81 6.82
N ARG B 280 -0.77 -22.79 6.05
CA ARG B 280 0.14 -21.78 5.58
C ARG B 280 -0.53 -20.44 5.46
N PHE B 281 0.23 -19.40 5.81
CA PHE B 281 -0.17 -18.00 5.70
C PHE B 281 0.51 -17.49 4.44
N ASP B 282 -0.28 -17.32 3.36
CA ASP B 282 0.23 -16.89 2.06
C ASP B 282 0.20 -15.37 1.96
N TYR B 283 1.17 -14.81 1.22
CA TYR B 283 1.26 -13.37 1.00
C TYR B 283 2.06 -13.12 -0.27
N SER B 284 2.40 -11.85 -0.55
CA SER B 284 3.13 -11.52 -1.76
C SER B 284 4.30 -10.60 -1.48
N GLN B 285 5.22 -10.51 -2.47
CA GLN B 285 6.33 -9.57 -2.47
C GLN B 285 7.14 -9.56 -1.18
N CYS B 286 7.46 -10.76 -0.68
CA CYS B 286 8.33 -10.92 0.48
C CYS B 286 9.21 -12.15 0.19
N ASP B 287 9.94 -12.06 -0.94
CA ASP B 287 10.76 -13.13 -1.49
C ASP B 287 12.28 -12.84 -1.44
N ILE B 288 12.66 -11.89 -0.59
CA ILE B 288 14.06 -11.55 -0.34
C ILE B 288 14.44 -12.18 1.01
N TRP B 289 15.73 -12.46 1.21
CA TRP B 289 16.22 -13.00 2.48
C TRP B 289 16.19 -11.89 3.55
N TYR B 290 16.04 -12.31 4.82
CA TYR B 290 16.14 -11.48 6.02
C TYR B 290 14.91 -10.61 6.25
N MET B 291 13.77 -11.24 6.49
CA MET B 291 12.52 -10.54 6.80
C MET B 291 11.92 -11.34 7.94
N ARG B 292 11.70 -10.69 9.08
CA ARG B 292 11.15 -11.38 10.24
C ARG B 292 9.66 -11.18 10.39
N PHE B 293 8.96 -12.22 10.89
CA PHE B 293 7.58 -12.08 11.31
C PHE B 293 7.58 -12.01 12.84
N SER B 294 6.53 -11.46 13.41
CA SER B 294 6.37 -11.29 14.85
C SER B 294 4.96 -11.62 15.31
N MET B 295 4.80 -12.00 16.58
CA MET B 295 3.49 -12.23 17.16
C MET B 295 3.38 -11.34 18.36
N ASP B 296 2.14 -11.09 18.79
CA ASP B 296 1.95 -10.30 19.99
C ASP B 296 2.14 -11.19 21.21
N PHE B 297 2.13 -10.59 22.42
CA PHE B 297 2.39 -11.31 23.66
C PHE B 297 1.49 -12.56 23.86
N TRP B 298 0.19 -12.40 23.59
CA TRP B 298 -0.79 -13.46 23.77
C TRP B 298 -0.89 -14.42 22.57
N GLN B 299 -0.12 -14.14 21.51
CA GLN B 299 -0.06 -14.96 20.28
C GLN B 299 -1.43 -15.07 19.61
N LYS B 300 -2.16 -13.93 19.58
CA LYS B 300 -3.47 -13.82 18.94
C LYS B 300 -3.33 -13.07 17.61
N MET B 301 -2.17 -12.43 17.37
CA MET B 301 -1.91 -11.72 16.14
C MET B 301 -0.53 -12.04 15.59
N LEU B 302 -0.41 -12.06 14.28
CA LEU B 302 0.83 -12.34 13.58
C LEU B 302 1.07 -11.22 12.58
N ALA B 303 2.28 -10.67 12.51
CA ALA B 303 2.57 -9.59 11.57
C ALA B 303 3.84 -9.88 10.76
N LEU B 304 3.83 -9.47 9.48
CA LEU B 304 5.01 -9.61 8.64
C LEU B 304 5.00 -8.45 7.68
N GLY B 305 6.14 -7.78 7.56
CA GLY B 305 6.26 -6.72 6.58
C GLY B 305 6.76 -7.28 5.26
N ASN B 306 6.49 -6.59 4.15
CA ASN B 306 7.00 -7.09 2.87
C ASN B 306 8.05 -6.13 2.28
N GLN B 307 8.61 -6.48 1.11
CA GLN B 307 9.73 -5.73 0.55
C GLN B 307 9.35 -4.39 -0.08
N VAL B 308 8.03 -4.07 -0.17
CA VAL B 308 7.59 -2.81 -0.75
C VAL B 308 6.79 -1.93 0.29
N GLY B 309 7.04 -2.14 1.57
CA GLY B 309 6.42 -1.33 2.63
C GLY B 309 5.00 -1.66 3.02
N LYS B 310 4.52 -2.90 2.67
CA LYS B 310 3.17 -3.32 3.07
C LYS B 310 3.31 -4.20 4.32
N LEU B 311 2.39 -4.04 5.26
CA LEU B 311 2.42 -4.76 6.52
C LEU B 311 1.24 -5.71 6.57
N TYR B 312 1.50 -7.03 6.61
CA TYR B 312 0.44 -8.04 6.68
C TYR B 312 0.17 -8.36 8.15
N VAL B 313 -1.11 -8.45 8.53
CA VAL B 313 -1.49 -8.79 9.90
C VAL B 313 -2.56 -9.88 9.83
N TRP B 314 -2.34 -10.97 10.57
CA TRP B 314 -3.32 -12.06 10.65
C TRP B 314 -3.86 -12.15 12.06
N ASP B 315 -5.15 -12.48 12.17
CA ASP B 315 -5.80 -12.72 13.44
C ASP B 315 -5.73 -14.23 13.64
N LEU B 316 -4.96 -14.69 14.62
CA LEU B 316 -4.80 -16.13 14.87
C LEU B 316 -5.97 -16.76 15.65
N GLU B 317 -6.90 -15.95 16.20
CA GLU B 317 -8.04 -16.44 16.99
C GLU B 317 -9.11 -17.17 16.17
N CYS B 326 -6.52 -12.03 6.64
CA CYS B 326 -5.36 -11.14 6.54
C CYS B 326 -5.74 -9.70 6.21
N THR B 327 -5.14 -8.75 6.94
CA THR B 327 -5.32 -7.31 6.73
C THR B 327 -3.99 -6.77 6.21
N THR B 328 -4.04 -5.90 5.18
CA THR B 328 -2.84 -5.27 4.65
C THR B 328 -2.85 -3.80 5.06
N LEU B 329 -1.83 -3.38 5.82
CA LEU B 329 -1.68 -2.01 6.30
C LEU B 329 -0.70 -1.30 5.39
N THR B 330 -1.15 -0.22 4.76
CA THR B 330 -0.30 0.53 3.82
C THR B 330 -0.35 2.00 4.10
N HIS B 331 0.72 2.70 3.70
CA HIS B 331 0.78 4.16 3.78
C HIS B 331 1.50 4.65 2.55
N HIS B 332 0.99 5.72 1.92
CA HIS B 332 1.54 6.25 0.67
C HIS B 332 3.04 6.64 0.76
N LYS B 333 3.54 6.95 1.98
CA LYS B 333 4.94 7.33 2.20
C LYS B 333 5.82 6.12 2.60
N CYS B 334 5.21 4.94 2.83
CA CYS B 334 5.91 3.73 3.24
C CYS B 334 6.10 2.79 2.05
N GLY B 335 7.28 2.82 1.44
CA GLY B 335 7.58 1.99 0.27
C GLY B 335 8.81 1.08 0.35
N ALA B 336 9.59 1.17 1.45
CA ALA B 336 10.81 0.39 1.63
C ALA B 336 10.56 -0.93 2.35
N ALA B 337 11.45 -1.91 2.20
CA ALA B 337 11.28 -3.22 2.85
C ALA B 337 11.14 -3.08 4.37
N ILE B 338 10.13 -3.73 4.95
CA ILE B 338 9.90 -3.74 6.41
C ILE B 338 10.58 -4.97 6.94
N ARG B 339 11.74 -4.79 7.59
CA ARG B 339 12.58 -5.90 8.08
C ARG B 339 12.06 -6.62 9.31
N GLN B 340 11.46 -5.88 10.24
CA GLN B 340 10.90 -6.44 11.47
C GLN B 340 9.85 -5.50 12.02
N THR B 341 8.94 -6.09 12.79
CA THR B 341 7.84 -5.40 13.47
C THR B 341 7.82 -5.85 14.91
N SER B 342 7.20 -5.05 15.75
CA SER B 342 7.03 -5.38 17.16
C SER B 342 5.72 -4.83 17.66
N PHE B 343 4.96 -5.67 18.37
CA PHE B 343 3.75 -5.24 19.04
C PHE B 343 4.10 -4.80 20.47
N SER B 344 3.41 -3.78 20.99
CA SER B 344 3.54 -3.40 22.39
C SER B 344 2.91 -4.57 23.18
N ARG B 345 3.20 -4.71 24.49
CA ARG B 345 2.68 -5.81 25.31
C ARG B 345 1.14 -5.94 25.29
N ASP B 346 0.42 -4.81 25.27
CA ASP B 346 -1.05 -4.84 25.25
C ASP B 346 -1.64 -5.00 23.83
N SER B 347 -0.75 -5.10 22.80
CA SER B 347 -1.04 -5.25 21.36
C SER B 347 -1.81 -4.04 20.77
N SER B 348 -1.81 -2.89 21.46
CA SER B 348 -2.51 -1.71 20.94
C SER B 348 -1.63 -0.94 19.96
N ILE B 349 -0.30 -1.19 19.98
CA ILE B 349 0.64 -0.52 19.08
C ILE B 349 1.45 -1.55 18.31
N LEU B 350 1.69 -1.29 17.02
CA LEU B 350 2.55 -2.13 16.18
C LEU B 350 3.53 -1.18 15.51
N ILE B 351 4.84 -1.40 15.73
CA ILE B 351 5.91 -0.60 15.13
C ILE B 351 6.55 -1.40 14.02
N ALA B 352 6.83 -0.78 12.87
CA ALA B 352 7.52 -1.41 11.74
C ALA B 352 8.75 -0.60 11.40
N VAL B 353 9.89 -1.28 11.12
CA VAL B 353 11.15 -0.58 10.78
C VAL B 353 11.60 -1.02 9.38
N CYS B 354 12.22 -0.09 8.63
CA CYS B 354 12.51 -0.28 7.21
C CYS B 354 13.96 -0.12 6.78
N ASP B 355 14.22 -0.54 5.52
CA ASP B 355 15.51 -0.40 4.84
C ASP B 355 15.93 1.06 4.67
N ASP B 356 14.98 2.00 4.66
CA ASP B 356 15.31 3.42 4.44
C ASP B 356 15.40 4.20 5.77
N ALA B 357 15.60 3.48 6.90
CA ALA B 357 15.72 4.00 8.27
C ALA B 357 14.41 4.59 8.82
N SER B 358 13.26 4.29 8.18
CA SER B 358 11.99 4.80 8.69
C SER B 358 11.35 3.85 9.70
N ILE B 359 10.55 4.44 10.62
CA ILE B 359 9.84 3.76 11.71
C ILE B 359 8.39 4.18 11.55
N TRP B 360 7.47 3.22 11.57
CA TRP B 360 6.04 3.45 11.37
C TRP B 360 5.27 2.98 12.58
N ARG B 361 4.40 3.83 13.11
CA ARG B 361 3.60 3.50 14.29
C ARG B 361 2.14 3.30 13.89
N TRP B 362 1.61 2.11 14.17
CA TRP B 362 0.22 1.77 13.86
C TRP B 362 -0.49 1.52 15.18
N ASP B 363 -1.56 2.24 15.44
CA ASP B 363 -2.35 2.12 16.67
C ASP B 363 -3.71 1.47 16.38
N ARG B 364 -4.15 0.57 17.27
CA ARG B 364 -5.40 -0.17 17.18
C ARG B 364 -6.50 0.62 17.87
#